data_7NRH
#
_entry.id   7NRH
#
_cell.length_a   1.00
_cell.length_b   1.00
_cell.length_c   1.00
_cell.angle_alpha   90.00
_cell.angle_beta   90.00
_cell.angle_gamma   90.00
#
_symmetry.space_group_name_H-M   'P 1'
#
loop_
_entity.id
_entity.type
_entity.pdbx_description
1 polymer 'Fab fragment HTN-Gn1 Heavy chain'
2 polymer 'Fab fragment HTN-Gn1 Light chain'
3 polymer 'Envelope polyprotein'
4 branched alpha-D-mannopyranose-(1-2)-alpha-D-mannopyranose-(1-3)-[alpha-D-mannopyranose-(1-3)-alpha-D-mannopyranose-(1-6)]beta-D-mannopyranose-(1-4)-2-acetamido-2-deoxy-beta-D-glucopyranose-(1-4)-2-acetamido-2-deoxy-beta-D-glucopyranose
#
loop_
_entity_poly.entity_id
_entity_poly.type
_entity_poly.pdbx_seq_one_letter_code
_entity_poly.pdbx_strand_id
1 'polypeptide(L)'
;TGQSLVESGGDLVKPEGSLTLTCTASGFSFSSTHWICWVRQAPGKGLEWIACIYVGNTYDSYYANWAKGRFTISKTSSTT
VTLQMTTLTAADTATYFCARSGSVFGVVSLWGPGTLVTVSSGQPKAPSVFPLAPCCGDTPSSTVTLGCLVKGYLPEPVTV
TWNSGTLTNGVRTFPSVRQSSGLYSLSSVVSVTSSSQPVTCNVAHPATNTKVDKTVAPSTCSGTKHHHHHH
;
H
2 'polypeptide(L)'
;TGQVLTQTPASVSEPVEGTVTIKCQASQSINNWLSWYQQRPGQPPKLLIYDASTVASGVSSRFKGSGSGTEFTLTISDLE
CADAATYACQSYGYGISITDNSAFGGGTEVVVRGDPVAPSVLIFPPAADQVATGTVTIVCVANKYFPDVTVTWEVDGTTQ
TTGIENSKTPQNSADCTYNLSSTLTLTSTQYNSHKEYTCKVTQGTTSVVQSFNRGDC
;
L
3 'polypeptide(L)'
;TGSLRNVYDMKIECPHTVSFGENSVIGYVELPPMPLADTAQMVPESSCSMDNHQSINTITKYTQVIWRGKADPGQSSQNS
FETVSTEVDLKGTCVLKHKMVEESYRSRKSITCYDLSCNSTFCKPTLYMIVPIHACNMMKSCLIALGPYRVQVVYERTYC
MTGVLIEGKCFVPDQSVVSIIKHGIFDIASVHVVCFFVAVKGNTYKLFEQVKKSFESTCNDTENKVQGYYICIVGGNSAP
IYVPTLDDFRSMEAFTGIFKSPHGEDHDLAGEEIASYSIVGPANAKVPHSASSDTLSLIAYSGIPSYSSLSILTSSTDAK
HVFSPGLFPKLNHTNCDKSAIPLTWTGMIDLPGYYEGTKHHHHHH
;
A
#
# COMPACT_ATOMS: atom_id res chain seq x y z
N GLN A 3 14.34 -10.19 12.52
CA GLN A 3 13.86 -9.45 11.36
C GLN A 3 13.74 -7.96 11.68
N SER A 4 14.39 -7.12 10.90
CA SER A 4 14.39 -5.68 11.19
C SER A 4 14.74 -4.92 9.93
N LEU A 5 14.41 -3.63 9.94
CA LEU A 5 14.78 -2.70 8.89
C LEU A 5 15.60 -1.57 9.50
N VAL A 6 16.65 -1.16 8.80
CA VAL A 6 17.57 -0.14 9.29
C VAL A 6 17.63 1.01 8.28
N GLU A 7 17.42 2.23 8.76
CA GLU A 7 17.47 3.42 7.93
C GLU A 7 18.76 4.19 8.22
N SER A 8 19.49 4.51 7.15
CA SER A 8 20.73 5.27 7.25
C SER A 8 20.56 6.64 6.61
N GLY A 9 21.62 7.44 6.66
CA GLY A 9 21.56 8.79 6.13
C GLY A 9 20.80 9.72 7.07
N GLY A 10 20.21 10.76 6.49
CA GLY A 10 19.42 11.69 7.25
C GLY A 10 20.24 12.64 8.11
N ASP A 11 21.00 13.52 7.47
CA ASP A 11 21.79 14.54 8.15
C ASP A 11 21.16 15.91 7.93
N LEU A 12 21.84 16.93 8.43
CA LEU A 12 21.39 18.30 8.21
C LEU A 12 21.67 18.73 6.77
N VAL A 13 20.65 19.22 6.08
CA VAL A 13 20.75 19.61 4.69
C VAL A 13 20.29 21.05 4.54
N LYS A 14 21.03 21.82 3.75
CA LYS A 14 20.66 23.20 3.49
C LYS A 14 19.39 23.24 2.63
N PRO A 15 18.62 24.34 2.72
CA PRO A 15 17.43 24.46 1.87
C PRO A 15 17.81 24.46 0.39
N GLU A 16 16.90 23.92 -0.42
CA GLU A 16 17.07 23.72 -1.86
C GLU A 16 18.14 22.69 -2.18
N GLY A 17 18.69 22.02 -1.18
CA GLY A 17 19.69 21.00 -1.39
C GLY A 17 19.08 19.64 -1.68
N SER A 18 19.94 18.63 -1.70
CA SER A 18 19.54 17.26 -1.99
C SER A 18 20.14 16.31 -0.96
N LEU A 19 19.45 15.21 -0.72
CA LEU A 19 19.90 14.21 0.23
C LEU A 19 19.36 12.85 -0.21
N THR A 20 20.20 11.82 -0.10
CA THR A 20 19.83 10.46 -0.47
C THR A 20 19.81 9.59 0.78
N LEU A 21 18.69 8.93 1.02
CA LEU A 21 18.54 8.01 2.14
C LEU A 21 18.73 6.58 1.67
N THR A 22 19.06 5.71 2.63
CA THR A 22 19.30 4.30 2.32
C THR A 22 18.67 3.44 3.41
N CYS A 23 18.00 2.37 2.99
CA CYS A 23 17.37 1.41 3.88
C CYS A 23 18.01 0.04 3.68
N THR A 24 18.39 -0.60 4.78
CA THR A 24 19.08 -1.88 4.73
C THR A 24 18.32 -2.94 5.51
N ALA A 25 18.36 -4.17 5.01
CA ALA A 25 17.76 -5.32 5.65
C ALA A 25 18.84 -6.14 6.35
N SER A 26 18.49 -6.74 7.48
CA SER A 26 19.45 -7.47 8.30
C SER A 26 19.07 -8.95 8.34
N GLY A 27 19.96 -9.80 7.85
CA GLY A 27 19.80 -11.24 7.93
C GLY A 27 18.56 -11.79 7.27
N PHE A 28 18.09 -11.15 6.19
CA PHE A 28 16.88 -11.60 5.51
C PHE A 28 16.94 -11.18 4.05
N SER A 29 16.91 -12.17 3.16
CA SER A 29 16.89 -11.92 1.73
C SER A 29 15.58 -11.26 1.31
N PHE A 30 15.63 -10.54 0.18
CA PHE A 30 14.51 -9.72 -0.24
C PHE A 30 13.37 -10.54 -0.83
N SER A 31 13.68 -11.71 -1.40
CA SER A 31 12.68 -12.57 -2.02
C SER A 31 11.97 -11.86 -3.16
N SER A 32 10.82 -12.37 -3.59
CA SER A 32 10.08 -11.81 -4.71
C SER A 32 8.61 -11.53 -4.42
N THR A 33 8.14 -11.76 -3.20
CA THR A 33 6.75 -11.51 -2.84
C THR A 33 6.63 -10.42 -1.78
N HIS A 34 7.54 -9.45 -1.81
CA HIS A 34 7.58 -8.39 -0.82
C HIS A 34 7.59 -7.04 -1.52
N TRP A 35 7.25 -6.00 -0.76
CA TRP A 35 7.28 -4.63 -1.25
C TRP A 35 7.94 -3.74 -0.21
N ILE A 36 8.89 -2.91 -0.64
CA ILE A 36 9.60 -1.98 0.23
C ILE A 36 9.09 -0.58 -0.04
N CYS A 37 8.86 0.19 1.03
CA CYS A 37 8.25 1.50 0.91
C CYS A 37 8.92 2.47 1.89
N TRP A 38 8.72 3.76 1.63
CA TRP A 38 9.23 4.83 2.49
C TRP A 38 8.07 5.65 3.02
N VAL A 39 8.06 5.91 4.32
CA VAL A 39 7.03 6.69 4.98
C VAL A 39 7.68 7.77 5.83
N ARG A 40 7.17 8.99 5.74
CA ARG A 40 7.68 10.11 6.52
C ARG A 40 6.58 10.64 7.44
N GLN A 41 7.01 11.23 8.55
CA GLN A 41 6.08 11.77 9.55
C GLN A 41 6.72 12.98 10.21
N ALA A 42 6.15 14.16 9.97
CA ALA A 42 6.64 15.35 10.62
C ALA A 42 6.20 15.37 12.09
N PRO A 43 6.99 15.99 12.96
CA PRO A 43 6.59 16.09 14.37
C PRO A 43 5.30 16.88 14.53
N GLY A 44 4.27 16.21 15.02
CA GLY A 44 2.95 16.80 15.15
C GLY A 44 2.03 16.60 13.98
N LYS A 45 2.34 15.68 13.07
CA LYS A 45 1.51 15.40 11.91
C LYS A 45 1.48 13.90 11.65
N GLY A 46 0.47 13.47 10.90
CA GLY A 46 0.26 12.07 10.65
C GLY A 46 1.24 11.49 9.63
N LEU A 47 1.11 10.19 9.42
CA LEU A 47 1.96 9.48 8.49
C LEU A 47 1.70 9.94 7.05
N GLU A 48 2.74 9.88 6.22
CA GLU A 48 2.65 10.33 4.84
C GLU A 48 3.35 9.30 3.95
N TRP A 49 2.64 8.85 2.91
CA TRP A 49 3.23 7.95 1.93
C TRP A 49 4.23 8.69 1.04
N ILE A 50 5.27 7.98 0.62
CA ILE A 50 6.29 8.58 -0.24
C ILE A 50 6.41 7.81 -1.56
N ALA A 51 6.83 6.55 -1.47
CA ALA A 51 7.08 5.75 -2.66
C ALA A 51 7.24 4.29 -2.26
N CYS A 52 7.20 3.41 -3.26
CA CYS A 52 7.35 1.97 -3.04
C CYS A 52 8.12 1.37 -4.21
N ILE A 53 8.70 0.19 -3.94
CA ILE A 53 9.43 -0.58 -4.95
C ILE A 53 9.08 -2.05 -4.76
N TYR A 54 8.84 -2.75 -5.88
CA TYR A 54 8.53 -4.17 -5.81
C TYR A 54 9.69 -4.99 -5.26
N VAL A 55 10.90 -4.44 -5.29
CA VAL A 55 12.14 -5.06 -4.80
C VAL A 55 12.17 -6.54 -5.15
N GLY A 56 11.93 -6.84 -6.43
CA GLY A 56 12.03 -8.20 -6.93
C GLY A 56 12.81 -8.27 -8.22
N ASN A 57 12.56 -9.31 -9.02
CA ASN A 57 13.21 -9.42 -10.31
C ASN A 57 12.71 -8.35 -11.29
N THR A 58 11.40 -8.12 -11.31
CA THR A 58 10.82 -7.13 -12.21
C THR A 58 10.76 -5.77 -11.53
N TYR A 59 10.84 -4.71 -12.34
CA TYR A 59 10.89 -3.34 -11.84
C TYR A 59 9.59 -2.60 -12.08
N ASP A 60 9.01 -2.06 -11.01
CA ASP A 60 7.89 -1.14 -11.10
C ASP A 60 7.79 -0.39 -9.78
N SER A 61 7.64 0.94 -9.86
CA SER A 61 7.62 1.79 -8.69
C SER A 61 6.51 2.81 -8.81
N TYR A 62 6.00 3.25 -7.65
CA TYR A 62 4.94 4.23 -7.58
C TYR A 62 5.28 5.29 -6.54
N TYR A 63 5.06 6.56 -6.91
CA TYR A 63 5.40 7.69 -6.07
C TYR A 63 4.13 8.40 -5.61
N ALA A 64 4.27 9.17 -4.53
CA ALA A 64 3.18 10.01 -4.06
C ALA A 64 2.98 11.19 -5.01
N ASN A 65 1.77 11.75 -4.98
CA ASN A 65 1.45 12.88 -5.85
C ASN A 65 2.32 14.08 -5.53
N TRP A 66 2.54 14.36 -4.24
CA TRP A 66 3.38 15.49 -3.87
C TRP A 66 4.85 15.21 -4.14
N ALA A 67 5.28 13.95 -4.01
CA ALA A 67 6.68 13.58 -4.16
C ALA A 67 7.05 13.15 -5.57
N LYS A 68 6.10 13.20 -6.51
CA LYS A 68 6.40 12.79 -7.87
C LYS A 68 7.38 13.76 -8.52
N GLY A 69 8.40 13.21 -9.19
CA GLY A 69 9.36 14.03 -9.89
C GLY A 69 10.44 14.63 -9.01
N ARG A 70 10.06 14.95 -7.77
CA ARG A 70 10.99 15.54 -6.81
C ARG A 70 11.79 14.49 -6.05
N PHE A 71 11.22 13.31 -5.86
CA PHE A 71 11.86 12.20 -5.17
C PHE A 71 12.27 11.13 -6.17
N THR A 72 13.14 10.23 -5.73
CA THR A 72 13.62 9.14 -6.59
C THR A 72 13.88 7.93 -5.71
N ILE A 73 13.17 6.83 -5.98
CA ILE A 73 13.33 5.59 -5.24
C ILE A 73 13.79 4.50 -6.20
N SER A 74 14.71 3.65 -5.75
CA SER A 74 15.23 2.59 -6.59
C SER A 74 15.87 1.53 -5.70
N LYS A 75 15.83 0.29 -6.17
CA LYS A 75 16.48 -0.82 -5.49
C LYS A 75 17.90 -0.97 -6.00
N THR A 76 18.84 -1.24 -5.09
CA THR A 76 20.25 -1.33 -5.43
C THR A 76 20.77 -2.76 -5.44
N SER A 77 20.59 -3.51 -4.36
CA SER A 77 21.11 -4.86 -4.26
C SER A 77 20.06 -5.73 -3.58
N SER A 78 20.48 -6.94 -3.20
CA SER A 78 19.58 -7.89 -2.56
C SER A 78 19.38 -7.61 -1.07
N THR A 79 19.96 -6.54 -0.54
CA THR A 79 19.77 -6.19 0.86
C THR A 79 19.56 -4.70 1.10
N THR A 80 19.63 -3.85 0.06
CA THR A 80 19.56 -2.42 0.25
C THR A 80 18.63 -1.78 -0.78
N VAL A 81 17.95 -0.71 -0.35
CA VAL A 81 17.18 0.15 -1.22
C VAL A 81 17.52 1.59 -0.85
N THR A 82 17.28 2.51 -1.80
CA THR A 82 17.63 3.91 -1.61
C THR A 82 16.43 4.79 -1.87
N LEU A 83 16.59 6.08 -1.55
CA LEU A 83 15.54 7.07 -1.76
C LEU A 83 16.22 8.42 -1.96
N GLN A 84 16.33 8.86 -3.21
CA GLN A 84 16.93 10.14 -3.51
C GLN A 84 15.92 11.26 -3.33
N MET A 85 16.28 12.28 -2.57
CA MET A 85 15.43 13.44 -2.33
C MET A 85 16.11 14.67 -2.91
N THR A 86 15.34 15.49 -3.62
CA THR A 86 15.87 16.66 -4.31
C THR A 86 15.06 17.89 -3.94
N THR A 87 15.70 19.05 -4.04
CA THR A 87 15.11 20.36 -3.73
C THR A 87 14.27 20.31 -2.45
N LEU A 88 14.93 19.87 -1.38
CA LEU A 88 14.26 19.76 -0.09
C LEU A 88 14.00 21.15 0.50
N THR A 89 12.84 21.32 1.10
CA THR A 89 12.45 22.57 1.74
C THR A 89 12.29 22.35 3.24
N ALA A 90 11.90 23.41 3.94
CA ALA A 90 11.68 23.32 5.38
C ALA A 90 10.54 22.38 5.72
N ALA A 91 9.55 22.27 4.82
CA ALA A 91 8.41 21.38 5.05
C ALA A 91 8.79 19.91 4.95
N ASP A 92 9.97 19.59 4.43
CA ASP A 92 10.42 18.21 4.30
C ASP A 92 11.11 17.69 5.56
N THR A 93 11.29 18.54 6.57
CA THR A 93 11.91 18.12 7.83
C THR A 93 10.97 17.17 8.55
N ALA A 94 11.33 15.89 8.60
CA ALA A 94 10.47 14.88 9.20
C ALA A 94 11.32 13.66 9.50
N THR A 95 10.68 12.65 10.09
CA THR A 95 11.31 11.36 10.35
C THR A 95 10.88 10.39 9.24
N TYR A 96 11.86 9.82 8.55
CA TYR A 96 11.61 8.98 7.39
C TYR A 96 11.76 7.51 7.79
N PHE A 97 10.70 6.74 7.64
CA PHE A 97 10.68 5.33 8.01
C PHE A 97 10.78 4.45 6.78
N CYS A 98 11.41 3.30 6.94
CA CYS A 98 11.47 2.27 5.90
C CYS A 98 10.38 1.25 6.17
N ALA A 99 9.60 0.93 5.15
CA ALA A 99 8.44 0.08 5.30
C ALA A 99 8.55 -1.16 4.42
N ARG A 100 8.02 -2.26 4.93
CA ARG A 100 7.96 -3.54 4.21
C ARG A 100 6.54 -4.04 4.22
N SER A 101 5.99 -4.30 3.04
CA SER A 101 4.59 -4.69 2.90
C SER A 101 4.48 -5.87 1.94
N GLY A 102 3.38 -6.61 2.07
CA GLY A 102 3.14 -7.72 1.16
C GLY A 102 2.51 -7.33 -0.16
N SER A 103 2.13 -6.07 -0.31
CA SER A 103 1.58 -5.58 -1.58
C SER A 103 1.96 -4.12 -1.73
N VAL A 104 1.61 -3.54 -2.87
CA VAL A 104 1.91 -2.14 -3.14
C VAL A 104 1.03 -1.25 -2.27
N PHE A 105 1.66 -0.34 -1.54
CA PHE A 105 0.97 0.57 -0.61
C PHE A 105 0.10 -0.20 0.38
N GLY A 106 0.47 -1.43 0.67
CA GLY A 106 -0.36 -2.34 1.45
C GLY A 106 -0.06 -2.31 2.93
N VAL A 107 -0.38 -3.42 3.59
CA VAL A 107 -0.20 -3.53 5.03
C VAL A 107 1.28 -3.61 5.35
N VAL A 108 1.75 -2.75 6.25
CA VAL A 108 3.16 -2.74 6.63
C VAL A 108 3.36 -3.80 7.71
N SER A 109 3.97 -4.92 7.32
CA SER A 109 4.21 -6.01 8.26
C SER A 109 5.38 -5.74 9.20
N LEU A 110 6.27 -4.81 8.85
CA LEU A 110 7.43 -4.54 9.67
C LEU A 110 7.96 -3.15 9.34
N TRP A 111 8.31 -2.40 10.37
CA TRP A 111 8.84 -1.04 10.24
C TRP A 111 10.30 -0.99 10.68
N GLY A 112 10.85 0.22 10.70
CA GLY A 112 12.17 0.46 11.21
C GLY A 112 12.17 1.59 12.21
N PRO A 113 13.29 1.76 12.93
CA PRO A 113 13.35 2.86 13.91
C PRO A 113 13.16 4.24 13.30
N GLY A 114 13.60 4.43 12.07
CA GLY A 114 13.41 5.70 11.40
C GLY A 114 14.63 6.59 11.51
N THR A 115 14.78 7.49 10.53
CA THR A 115 15.86 8.46 10.51
C THR A 115 15.28 9.86 10.35
N LEU A 116 15.98 10.84 10.91
CA LEU A 116 15.53 12.23 10.91
C LEU A 116 16.29 13.01 9.87
N VAL A 117 15.57 13.76 9.03
CA VAL A 117 16.16 14.64 8.05
C VAL A 117 15.83 16.07 8.46
N THR A 118 16.85 16.83 8.82
CA THR A 118 16.69 18.21 9.27
C THR A 118 17.12 19.15 8.15
N VAL A 119 16.17 19.93 7.63
CA VAL A 119 16.43 20.89 6.57
C VAL A 119 16.47 22.27 7.22
N SER A 120 17.68 22.79 7.42
CA SER A 120 17.86 24.10 8.03
C SER A 120 19.13 24.73 7.48
N SER A 121 19.12 26.06 7.40
CA SER A 121 20.26 26.81 6.88
C SER A 121 21.39 26.94 7.88
N GLY A 122 21.16 26.62 9.15
CA GLY A 122 22.21 26.75 10.14
C GLY A 122 23.29 25.69 9.99
N GLN A 123 24.41 25.93 10.70
CA GLN A 123 25.54 25.00 10.68
C GLN A 123 25.45 24.05 11.86
N PRO A 124 25.95 22.82 11.71
CA PRO A 124 25.98 21.88 12.83
C PRO A 124 26.82 22.42 13.99
N LYS A 125 26.38 22.13 15.21
CA LYS A 125 27.03 22.60 16.42
C LYS A 125 27.18 21.46 17.41
N ALA A 126 28.25 21.54 18.24
CA ALA A 126 28.51 20.54 19.26
C ALA A 126 27.82 20.91 20.57
N PRO A 127 27.40 19.92 21.35
CA PRO A 127 26.71 20.22 22.61
C PRO A 127 27.65 20.77 23.66
N SER A 128 27.09 21.57 24.56
CA SER A 128 27.84 22.21 25.66
C SER A 128 27.26 21.68 26.97
N VAL A 129 27.70 20.49 27.37
CA VAL A 129 27.10 19.82 28.52
C VAL A 129 27.43 20.56 29.80
N PHE A 130 26.40 20.83 30.61
CA PHE A 130 26.54 21.45 31.92
C PHE A 130 25.99 20.54 33.00
N PRO A 131 26.59 20.55 34.19
CA PRO A 131 26.09 19.71 35.28
C PRO A 131 24.96 20.40 36.04
N LEU A 132 24.01 19.57 36.49
CA LEU A 132 22.85 20.04 37.25
C LEU A 132 22.97 19.52 38.68
N ALA A 133 23.12 20.43 39.63
CA ALA A 133 23.28 20.10 41.03
C ALA A 133 22.45 21.07 41.87
N PRO A 134 21.99 20.63 43.04
CA PRO A 134 21.23 21.53 43.91
C PRO A 134 22.12 22.61 44.50
N CYS A 135 21.47 23.68 44.96
CA CYS A 135 22.20 24.79 45.57
C CYS A 135 22.95 24.31 46.81
N CYS A 136 24.16 24.83 47.01
CA CYS A 136 24.97 24.42 48.14
C CYS A 136 24.34 24.84 49.47
N GLY A 137 23.46 25.82 49.47
CA GLY A 137 22.76 26.21 50.68
C GLY A 137 21.75 25.19 51.15
N ASP A 138 21.34 24.26 50.29
CA ASP A 138 20.38 23.25 50.66
C ASP A 138 20.96 22.29 51.70
N THR A 139 20.14 21.92 52.67
CA THR A 139 20.54 20.96 53.69
C THR A 139 20.76 19.60 53.05
N PRO A 140 21.85 18.89 53.37
CA PRO A 140 22.04 17.56 52.80
C PRO A 140 20.91 16.62 53.18
N SER A 141 20.53 15.77 52.23
CA SER A 141 19.42 14.84 52.40
C SER A 141 19.90 13.41 52.21
N SER A 142 19.02 12.46 52.58
CA SER A 142 19.35 11.06 52.42
C SER A 142 19.54 10.69 50.96
N THR A 143 18.67 11.20 50.08
CA THR A 143 18.74 10.97 48.65
C THR A 143 18.88 12.31 47.94
N VAL A 144 19.73 12.35 46.92
CA VAL A 144 19.98 13.56 46.15
C VAL A 144 19.79 13.24 44.67
N THR A 145 19.32 14.22 43.92
CA THR A 145 19.09 14.08 42.49
C THR A 145 20.06 14.98 41.74
N LEU A 146 20.75 14.41 40.76
CA LEU A 146 21.71 15.13 39.93
C LEU A 146 21.43 14.83 38.47
N GLY A 147 22.01 15.64 37.60
CA GLY A 147 21.80 15.45 36.17
C GLY A 147 22.78 16.26 35.36
N CYS A 148 22.73 16.03 34.05
CA CYS A 148 23.52 16.76 33.08
C CYS A 148 22.60 17.49 32.12
N LEU A 149 22.99 18.68 31.71
CA LEU A 149 22.19 19.51 30.82
C LEU A 149 22.92 19.68 29.50
N VAL A 150 22.29 19.27 28.40
CA VAL A 150 22.85 19.39 27.07
C VAL A 150 22.24 20.61 26.40
N LYS A 151 23.07 21.61 26.12
CA LYS A 151 22.60 22.85 25.54
C LYS A 151 22.64 22.77 24.02
N GLY A 152 22.50 23.92 23.35
CA GLY A 152 22.39 24.04 21.92
C GLY A 152 23.27 23.12 21.09
N TYR A 153 22.63 22.36 20.20
CA TYR A 153 23.33 21.44 19.30
C TYR A 153 22.49 21.28 18.04
N LEU A 154 23.14 20.84 16.97
CA LEU A 154 22.45 20.66 15.70
C LEU A 154 23.16 19.66 14.80
N PRO A 155 22.44 18.73 14.17
CA PRO A 155 21.02 18.47 14.42
C PRO A 155 20.85 17.38 15.47
N GLU A 156 19.64 16.84 15.58
CA GLU A 156 19.37 15.69 16.44
C GLU A 156 19.91 14.45 15.75
N PRO A 157 19.88 13.28 16.43
CA PRO A 157 19.63 12.80 17.78
C PRO A 157 20.86 12.79 18.67
N VAL A 158 20.69 13.04 19.97
CA VAL A 158 21.78 12.88 20.92
C VAL A 158 21.35 11.84 21.93
N THR A 159 22.32 11.07 22.43
CA THR A 159 22.07 10.00 23.37
C THR A 159 22.80 10.28 24.69
N VAL A 160 22.06 10.14 25.79
CA VAL A 160 22.60 10.35 27.13
C VAL A 160 22.39 9.08 27.92
N THR A 161 23.47 8.52 28.45
CA THR A 161 23.42 7.32 29.27
C THR A 161 24.24 7.54 30.52
N TRP A 162 23.83 6.88 31.60
CA TRP A 162 24.45 7.04 32.90
C TRP A 162 25.30 5.81 33.24
N ASN A 163 26.56 6.06 33.58
CA ASN A 163 27.50 5.01 33.97
C ASN A 163 27.63 3.94 32.89
N SER A 164 27.67 4.39 31.63
CA SER A 164 27.81 3.50 30.47
C SER A 164 26.69 2.46 30.41
N GLY A 165 25.50 2.84 30.86
CA GLY A 165 24.34 1.98 30.83
C GLY A 165 24.25 0.96 31.94
N THR A 166 25.21 0.94 32.87
CA THR A 166 25.16 -0.01 33.98
C THR A 166 24.01 0.32 34.92
N LEU A 167 23.76 1.61 35.15
CA LEU A 167 22.69 2.05 36.04
C LEU A 167 21.53 2.58 35.20
N THR A 168 20.32 2.10 35.51
CA THR A 168 19.14 2.50 34.77
C THR A 168 18.04 2.97 35.69
N ASN A 169 17.97 2.40 36.89
CA ASN A 169 16.93 2.76 37.85
C ASN A 169 17.08 4.20 38.30
N GLY A 170 15.97 4.92 38.38
CA GLY A 170 15.97 6.30 38.80
C GLY A 170 16.40 7.29 37.75
N VAL A 171 16.58 6.85 36.50
CA VAL A 171 17.03 7.72 35.42
C VAL A 171 15.81 8.27 34.69
N ARG A 172 15.77 9.60 34.55
CA ARG A 172 14.67 10.28 33.85
C ARG A 172 15.28 11.21 32.81
N THR A 173 15.23 10.79 31.54
CA THR A 173 15.74 11.57 30.43
C THR A 173 14.58 12.29 29.75
N PHE A 174 14.72 13.61 29.56
CA PHE A 174 13.63 14.41 29.01
C PHE A 174 13.82 14.62 27.51
N PRO A 175 12.72 14.81 26.76
CA PRO A 175 12.85 15.07 25.33
C PRO A 175 13.42 16.45 25.04
N SER A 176 13.98 16.57 23.84
CA SER A 176 14.60 17.82 23.42
C SER A 176 13.55 18.89 23.13
N VAL A 177 14.00 20.14 23.12
CA VAL A 177 13.14 21.28 22.85
C VAL A 177 13.89 22.26 21.94
N ARG A 178 13.21 22.75 20.91
CA ARG A 178 13.80 23.70 19.98
C ARG A 178 13.72 25.12 20.55
N GLN A 179 14.82 25.85 20.45
CA GLN A 179 14.89 27.21 20.96
C GLN A 179 14.60 28.22 19.84
N SER A 180 14.71 29.50 20.18
CA SER A 180 14.43 30.55 19.20
C SER A 180 15.43 30.51 18.05
N SER A 181 16.70 30.24 18.34
CA SER A 181 17.75 30.22 17.33
C SER A 181 17.79 28.91 16.55
N GLY A 182 16.75 28.09 16.63
CA GLY A 182 16.75 26.82 15.93
C GLY A 182 17.66 25.77 16.53
N LEU A 183 18.08 25.95 17.77
CA LEU A 183 18.95 25.00 18.46
C LEU A 183 18.15 24.16 19.44
N TYR A 184 18.62 22.94 19.66
CA TYR A 184 17.94 21.99 20.54
C TYR A 184 18.67 21.88 21.87
N SER A 185 17.89 21.63 22.93
CA SER A 185 18.43 21.43 24.26
C SER A 185 17.74 20.24 24.91
N LEU A 186 18.51 19.42 25.62
CA LEU A 186 18.01 18.24 26.30
C LEU A 186 18.59 18.18 27.70
N SER A 187 17.79 17.71 28.65
CA SER A 187 18.21 17.57 30.04
C SER A 187 17.83 16.19 30.56
N SER A 188 18.73 15.59 31.34
CA SER A 188 18.49 14.29 31.94
C SER A 188 19.03 14.29 33.36
N VAL A 189 18.24 13.74 34.29
CA VAL A 189 18.58 13.73 35.70
C VAL A 189 18.50 12.30 36.23
N VAL A 190 19.22 12.07 37.33
CA VAL A 190 19.25 10.77 37.99
C VAL A 190 19.26 11.00 39.50
N SER A 191 18.60 10.10 40.22
CA SER A 191 18.53 10.15 41.67
C SER A 191 19.25 8.95 42.26
N VAL A 192 20.21 9.20 43.14
CA VAL A 192 20.98 8.15 43.81
C VAL A 192 21.13 8.51 45.27
N THR A 193 21.47 7.48 46.07
CA THR A 193 21.71 7.68 47.49
C THR A 193 23.04 8.40 47.72
N SER A 194 23.16 9.02 48.89
CA SER A 194 24.38 9.75 49.22
C SER A 194 25.57 8.82 49.40
N SER A 195 25.32 7.56 49.77
CA SER A 195 26.39 6.60 49.97
C SER A 195 26.88 5.96 48.67
N SER A 196 26.18 6.17 47.57
CA SER A 196 26.58 5.56 46.31
C SER A 196 27.82 6.23 45.74
N GLN A 197 28.52 5.49 44.88
CA GLN A 197 29.69 6.03 44.20
C GLN A 197 29.26 7.08 43.19
N PRO A 198 30.18 7.98 42.80
CA PRO A 198 29.83 9.01 41.82
C PRO A 198 29.33 8.41 40.51
N VAL A 199 28.32 9.05 39.94
CA VAL A 199 27.68 8.58 38.70
C VAL A 199 28.18 9.43 37.55
N THR A 200 28.35 8.79 36.39
CA THR A 200 28.86 9.44 35.19
C THR A 200 27.79 9.42 34.11
N CYS A 201 27.53 10.58 33.50
CA CYS A 201 26.64 10.67 32.34
C CYS A 201 27.47 10.76 31.08
N ASN A 202 27.04 10.04 30.05
CA ASN A 202 27.78 9.92 28.79
C ASN A 202 26.94 10.53 27.68
N VAL A 203 27.19 11.80 27.37
CA VAL A 203 26.52 12.50 26.28
C VAL A 203 27.29 12.24 25.00
N ALA A 204 26.60 11.71 23.99
CA ALA A 204 27.20 11.41 22.70
C ALA A 204 26.39 12.08 21.60
N HIS A 205 27.07 12.80 20.72
CA HIS A 205 26.45 13.47 19.57
C HIS A 205 27.04 12.91 18.29
N PRO A 206 26.40 11.92 17.66
CA PRO A 206 26.99 11.31 16.47
C PRO A 206 27.18 12.26 15.30
N ALA A 207 26.38 13.32 15.20
CA ALA A 207 26.50 14.24 14.08
C ALA A 207 27.82 14.99 14.11
N THR A 208 28.17 15.58 15.27
CA THR A 208 29.45 16.24 15.44
C THR A 208 30.52 15.31 15.99
N ASN A 209 30.18 14.04 16.22
CA ASN A 209 31.13 13.04 16.72
C ASN A 209 31.76 13.46 18.04
N THR A 210 30.94 14.02 18.93
CA THR A 210 31.36 14.49 20.24
C THR A 210 30.81 13.56 21.31
N LYS A 211 31.69 13.10 22.20
CA LYS A 211 31.29 12.24 23.32
C LYS A 211 31.83 12.84 24.61
N VAL A 212 30.98 13.56 25.34
CA VAL A 212 31.36 14.20 26.59
C VAL A 212 31.00 13.27 27.75
N ASP A 213 31.96 13.04 28.65
CA ASP A 213 31.78 12.21 29.82
C ASP A 213 31.93 13.09 31.06
N LYS A 214 30.81 13.57 31.58
CA LYS A 214 30.78 14.39 32.78
C LYS A 214 30.34 13.51 33.96
N THR A 215 31.17 13.44 34.99
CA THR A 215 30.89 12.63 36.17
C THR A 215 30.44 13.53 37.31
N VAL A 216 29.43 13.07 38.06
CA VAL A 216 28.90 13.79 39.20
C VAL A 216 28.87 12.87 40.40
N ALA A 217 28.90 13.47 41.57
CA ALA A 217 28.91 12.75 42.84
C ALA A 217 27.79 13.28 43.72
N PRO A 218 27.29 12.49 44.67
CA PRO A 218 26.24 12.99 45.55
C PRO A 218 26.65 14.23 46.33
N SER A 219 27.93 14.36 46.65
CA SER A 219 28.40 15.53 47.40
C SER A 219 28.49 16.79 46.55
N THR A 220 28.31 16.67 45.23
CA THR A 220 28.43 17.84 44.37
C THR A 220 27.30 18.83 44.64
N CYS A 221 27.65 20.11 44.67
CA CYS A 221 26.68 21.19 44.82
C CYS A 221 27.00 22.27 43.78
N SER A 222 25.98 23.05 43.45
CA SER A 222 26.13 24.13 42.48
C SER A 222 27.05 25.23 43.01
N GLY B 2 -10.43 12.46 -5.58
CA GLY B 2 -9.66 12.78 -4.40
C GLY B 2 -10.11 12.05 -3.15
N GLN B 3 -9.26 11.18 -2.63
CA GLN B 3 -9.56 10.39 -1.43
C GLN B 3 -8.97 11.08 -0.20
N VAL B 4 -9.81 11.30 0.80
CA VAL B 4 -9.42 11.94 2.06
C VAL B 4 -9.81 11.01 3.20
N LEU B 5 -8.92 10.90 4.19
CA LEU B 5 -9.15 10.03 5.34
C LEU B 5 -9.30 10.91 6.57
N THR B 6 -10.43 10.74 7.28
CA THR B 6 -10.73 11.54 8.48
C THR B 6 -10.68 10.63 9.70
N GLN B 7 -9.88 11.02 10.69
CA GLN B 7 -9.72 10.26 11.92
C GLN B 7 -10.10 11.16 13.09
N THR B 8 -11.02 10.67 13.93
CA THR B 8 -11.53 11.44 15.07
C THR B 8 -11.63 10.52 16.27
N PRO B 9 -11.51 11.05 17.50
CA PRO B 9 -11.19 12.44 17.83
C PRO B 9 -9.70 12.72 17.80
N ALA B 10 -9.30 14.00 17.76
CA ALA B 10 -7.88 14.32 17.74
C ALA B 10 -7.19 13.85 19.01
N SER B 11 -7.83 14.06 20.17
CA SER B 11 -7.29 13.62 21.44
C SER B 11 -8.41 13.01 22.27
N VAL B 12 -8.08 11.95 23.01
CA VAL B 12 -9.04 11.25 23.85
C VAL B 12 -8.38 10.94 25.20
N SER B 13 -9.16 11.09 26.27
CA SER B 13 -8.68 10.84 27.63
C SER B 13 -9.67 9.90 28.32
N GLU B 14 -9.23 8.67 28.58
CA GLU B 14 -10.07 7.68 29.23
C GLU B 14 -9.33 7.05 30.39
N PRO B 15 -10.02 6.76 31.49
CA PRO B 15 -9.34 6.21 32.68
C PRO B 15 -8.99 4.74 32.50
N VAL B 16 -8.24 4.22 33.47
CA VAL B 16 -7.86 2.82 33.48
C VAL B 16 -9.12 1.95 33.61
N GLU B 17 -9.06 0.74 33.06
CA GLU B 17 -10.14 -0.22 33.05
C GLU B 17 -11.35 0.26 32.25
N GLY B 18 -11.23 1.38 31.55
CA GLY B 18 -12.30 1.93 30.76
C GLY B 18 -12.24 1.44 29.32
N THR B 19 -12.91 2.19 28.44
CA THR B 19 -12.95 1.87 27.03
C THR B 19 -12.63 3.13 26.22
N VAL B 20 -12.01 2.92 25.06
CA VAL B 20 -11.62 3.99 24.16
C VAL B 20 -12.22 3.71 22.79
N THR B 21 -12.85 4.72 22.19
CA THR B 21 -13.46 4.60 20.88
C THR B 21 -12.80 5.59 19.93
N ILE B 22 -12.25 5.07 18.83
CA ILE B 22 -11.61 5.86 17.80
C ILE B 22 -12.36 5.65 16.49
N LYS B 23 -12.78 6.74 15.86
CA LYS B 23 -13.57 6.69 14.64
C LYS B 23 -12.69 7.07 13.45
N CYS B 24 -12.69 6.21 12.43
CA CYS B 24 -11.93 6.44 11.19
C CYS B 24 -12.90 6.30 10.03
N GLN B 25 -13.17 7.42 9.35
CA GLN B 25 -14.16 7.47 8.28
C GLN B 25 -13.47 7.81 6.96
N ALA B 26 -13.79 7.06 5.91
CA ALA B 26 -13.21 7.25 4.59
C ALA B 26 -14.21 7.91 3.67
N SER B 27 -13.73 8.89 2.88
CA SER B 27 -14.60 9.54 1.92
C SER B 27 -15.08 8.58 0.84
N GLN B 28 -14.19 7.70 0.38
CA GLN B 28 -14.50 6.69 -0.63
C GLN B 28 -14.57 5.31 0.02
N SER B 29 -15.43 4.46 -0.52
CA SER B 29 -15.59 3.12 0.01
C SER B 29 -14.32 2.31 -0.17
N ILE B 30 -13.95 1.55 0.87
CA ILE B 30 -12.74 0.75 0.85
C ILE B 30 -13.01 -0.74 0.93
N ASN B 31 -14.24 -1.15 1.25
CA ASN B 31 -14.63 -2.57 1.35
C ASN B 31 -13.73 -3.30 2.36
N ASN B 32 -13.95 -2.94 3.62
CA ASN B 32 -13.35 -3.61 4.79
C ASN B 32 -11.83 -3.76 4.67
N TRP B 33 -11.18 -2.82 4.01
CA TRP B 33 -9.72 -2.79 3.91
C TRP B 33 -9.20 -1.65 4.78
N LEU B 34 -8.86 -1.96 6.02
CA LEU B 34 -8.29 -0.98 6.93
C LEU B 34 -7.31 -1.66 7.88
N SER B 35 -6.38 -0.87 8.40
CA SER B 35 -5.39 -1.34 9.35
C SER B 35 -5.25 -0.33 10.47
N TRP B 36 -5.02 -0.84 11.68
CA TRP B 36 -4.85 -0.01 12.87
C TRP B 36 -3.45 -0.20 13.42
N TYR B 37 -2.78 0.91 13.72
CA TYR B 37 -1.39 0.90 14.17
C TYR B 37 -1.27 1.57 15.53
N GLN B 38 -0.33 1.06 16.33
CA GLN B 38 0.03 1.65 17.62
C GLN B 38 1.45 2.22 17.49
N GLN B 39 1.60 3.51 17.79
CA GLN B 39 2.86 4.21 17.64
C GLN B 39 3.26 4.84 18.96
N ARG B 40 4.27 4.26 19.61
CA ARG B 40 4.85 4.86 20.79
C ARG B 40 5.85 5.93 20.38
N PRO B 41 6.09 6.93 21.24
CA PRO B 41 7.07 7.97 20.89
C PRO B 41 8.46 7.37 20.67
N GLY B 42 9.13 7.86 19.64
CA GLY B 42 10.46 7.37 19.30
C GLY B 42 10.51 5.89 18.98
N GLN B 43 9.41 5.33 18.49
CA GLN B 43 9.32 3.90 18.23
C GLN B 43 8.66 3.68 16.87
N PRO B 44 9.01 2.59 16.18
CA PRO B 44 8.32 2.23 14.94
C PRO B 44 6.88 1.85 15.22
N PRO B 45 5.95 2.25 14.37
CA PRO B 45 4.54 1.84 14.56
C PRO B 45 4.39 0.33 14.51
N LYS B 46 3.49 -0.17 15.35
CA LYS B 46 3.23 -1.60 15.47
C LYS B 46 1.86 -1.92 14.91
N LEU B 47 1.78 -2.98 14.11
CA LEU B 47 0.51 -3.40 13.52
C LEU B 47 -0.22 -4.31 14.49
N LEU B 48 -1.45 -3.93 14.84
CA LEU B 48 -2.29 -4.72 15.73
C LEU B 48 -3.54 -5.26 15.04
N ILE B 49 -4.22 -4.44 14.24
CA ILE B 49 -5.42 -4.85 13.52
C ILE B 49 -5.18 -4.63 12.04
N TYR B 50 -5.41 -5.69 11.25
CA TYR B 50 -5.36 -5.60 9.79
C TYR B 50 -6.63 -6.22 9.22
N ASP B 51 -7.01 -5.76 8.03
CA ASP B 51 -8.29 -6.09 7.39
C ASP B 51 -9.48 -5.62 8.22
N ALA B 52 -9.23 -4.71 9.16
CA ALA B 52 -10.23 -4.01 9.97
C ALA B 52 -10.92 -4.91 10.99
N SER B 53 -10.65 -6.21 10.94
CA SER B 53 -11.26 -7.12 11.91
C SER B 53 -10.32 -8.20 12.44
N THR B 54 -9.16 -8.43 11.82
CA THR B 54 -8.30 -9.55 12.18
C THR B 54 -7.24 -9.07 13.17
N VAL B 55 -7.09 -9.82 14.27
CA VAL B 55 -6.09 -9.49 15.27
C VAL B 55 -4.76 -10.10 14.85
N ALA B 56 -3.71 -9.27 14.81
CA ALA B 56 -2.39 -9.75 14.47
C ALA B 56 -1.86 -10.69 15.55
N SER B 57 -1.01 -11.63 15.15
CA SER B 57 -0.44 -12.57 16.09
C SER B 57 0.39 -11.85 17.14
N GLY B 58 0.18 -12.21 18.40
CA GLY B 58 0.87 -11.57 19.51
C GLY B 58 0.15 -10.37 20.10
N VAL B 59 -0.95 -9.92 19.49
CA VAL B 59 -1.72 -8.80 19.99
C VAL B 59 -2.80 -9.30 20.92
N SER B 60 -2.99 -8.61 22.05
CA SER B 60 -3.99 -9.02 23.02
C SER B 60 -5.39 -8.90 22.45
N SER B 61 -6.29 -9.75 22.95
CA SER B 61 -7.67 -9.76 22.50
C SER B 61 -8.43 -8.50 22.93
N ARG B 62 -7.87 -7.68 23.81
CA ARG B 62 -8.54 -6.46 24.25
C ARG B 62 -8.67 -5.44 23.13
N PHE B 63 -7.90 -5.58 22.06
CA PHE B 63 -8.01 -4.72 20.89
C PHE B 63 -9.03 -5.33 19.93
N LYS B 64 -10.09 -4.58 19.64
CA LYS B 64 -11.17 -5.04 18.76
C LYS B 64 -11.39 -4.03 17.65
N GLY B 65 -11.40 -4.51 16.41
CA GLY B 65 -11.66 -3.69 15.25
C GLY B 65 -12.95 -4.15 14.57
N SER B 66 -13.79 -3.18 14.23
CA SER B 66 -15.08 -3.42 13.60
C SER B 66 -15.37 -2.32 12.60
N GLY B 67 -16.25 -2.64 11.64
CA GLY B 67 -16.64 -1.70 10.62
C GLY B 67 -16.41 -2.23 9.22
N SER B 68 -17.14 -1.66 8.25
CA SER B 68 -16.96 -2.02 6.86
C SER B 68 -17.50 -0.88 5.99
N GLY B 69 -17.03 -0.85 4.75
CA GLY B 69 -17.46 0.17 3.81
C GLY B 69 -16.73 1.48 3.94
N THR B 70 -17.41 2.49 4.50
CA THR B 70 -16.84 3.82 4.63
C THR B 70 -16.66 4.28 6.07
N GLU B 71 -17.07 3.49 7.06
CA GLU B 71 -16.98 3.87 8.46
C GLU B 71 -16.41 2.71 9.26
N PHE B 72 -15.40 2.99 10.08
CA PHE B 72 -14.76 1.99 10.92
C PHE B 72 -14.54 2.57 12.32
N THR B 73 -14.47 1.68 13.31
CA THR B 73 -14.21 2.07 14.68
C THR B 73 -13.21 1.11 15.32
N LEU B 74 -12.45 1.63 16.28
CA LEU B 74 -11.51 0.84 17.06
C LEU B 74 -11.81 1.01 18.53
N THR B 75 -11.96 -0.12 19.23
CA THR B 75 -12.30 -0.12 20.65
C THR B 75 -11.19 -0.81 21.43
N ILE B 76 -10.75 -0.18 22.52
CA ILE B 76 -9.77 -0.75 23.43
C ILE B 76 -10.46 -0.97 24.76
N SER B 77 -10.65 -2.22 25.15
CA SER B 77 -11.29 -2.58 26.41
C SER B 77 -10.23 -2.97 27.44
N ASP B 78 -10.59 -2.80 28.71
CA ASP B 78 -9.69 -3.04 29.83
C ASP B 78 -8.39 -2.25 29.66
N LEU B 79 -8.55 -0.93 29.63
CA LEU B 79 -7.44 -0.03 29.34
C LEU B 79 -6.33 -0.18 30.37
N GLU B 80 -5.09 -0.15 29.89
CA GLU B 80 -3.91 -0.28 30.73
C GLU B 80 -3.02 0.94 30.53
N CYS B 81 -2.03 1.07 31.41
CA CYS B 81 -1.11 2.21 31.32
C CYS B 81 -0.20 2.07 30.10
N ALA B 82 0.20 0.84 29.76
CA ALA B 82 1.06 0.63 28.59
C ALA B 82 0.36 0.95 27.28
N ASP B 83 -0.97 1.02 27.28
CA ASP B 83 -1.72 1.30 26.06
C ASP B 83 -1.70 2.77 25.67
N ALA B 84 -1.21 3.64 26.54
CA ALA B 84 -1.15 5.08 26.23
C ALA B 84 -0.14 5.32 25.11
N ALA B 85 -0.64 5.61 23.92
CA ALA B 85 0.21 5.82 22.75
C ALA B 85 -0.61 6.58 21.70
N THR B 86 -0.07 6.66 20.48
CA THR B 86 -0.72 7.30 19.36
C THR B 86 -1.18 6.23 18.38
N TYR B 87 -2.42 6.36 17.90
CA TYR B 87 -3.02 5.38 17.01
C TYR B 87 -3.44 6.05 15.71
N ALA B 88 -3.32 5.32 14.61
CA ALA B 88 -3.70 5.83 13.30
C ALA B 88 -4.24 4.69 12.45
N CYS B 89 -5.07 5.05 11.47
CA CYS B 89 -5.67 4.09 10.55
C CYS B 89 -5.14 4.34 9.15
N GLN B 90 -4.90 3.26 8.42
CA GLN B 90 -4.41 3.32 7.05
C GLN B 90 -5.47 2.72 6.12
N SER B 91 -5.78 3.43 5.04
CA SER B 91 -6.73 2.95 4.04
C SER B 91 -5.93 2.44 2.85
N TYR B 92 -5.93 1.12 2.66
CA TYR B 92 -5.18 0.49 1.60
C TYR B 92 -6.14 -0.19 0.63
N GLY B 93 -5.81 -0.11 -0.66
CA GLY B 93 -6.63 -0.73 -1.69
C GLY B 93 -5.92 -1.83 -2.43
N TYR B 94 -6.66 -2.65 -3.17
CA TYR B 94 -6.11 -3.77 -3.91
C TYR B 94 -6.62 -3.74 -5.33
N GLY B 95 -5.80 -4.25 -6.25
CA GLY B 95 -6.20 -4.36 -7.65
C GLY B 95 -6.45 -3.02 -8.32
N ILE B 96 -7.72 -2.73 -8.61
CA ILE B 96 -8.07 -1.45 -9.23
C ILE B 96 -7.81 -0.30 -8.25
N SER B 97 -8.06 -0.53 -6.97
CA SER B 97 -8.01 0.49 -5.94
C SER B 97 -6.61 0.66 -5.34
N ILE B 98 -5.56 0.30 -6.09
CA ILE B 98 -4.19 0.40 -5.57
C ILE B 98 -3.83 1.84 -5.26
N THR B 99 -4.10 2.75 -6.19
CA THR B 99 -3.75 4.15 -6.01
C THR B 99 -4.96 5.07 -5.84
N ASP B 100 -6.18 4.54 -5.97
CA ASP B 100 -7.37 5.37 -5.80
C ASP B 100 -7.59 5.75 -4.35
N ASN B 101 -7.45 4.80 -3.42
CA ASN B 101 -7.64 5.05 -1.99
C ASN B 101 -6.43 4.52 -1.22
N SER B 102 -5.40 5.35 -1.08
CA SER B 102 -4.19 4.99 -0.33
C SER B 102 -3.77 6.22 0.47
N ALA B 103 -4.18 6.26 1.73
CA ALA B 103 -3.90 7.41 2.58
C ALA B 103 -3.76 6.96 4.02
N PHE B 104 -3.21 7.86 4.84
CA PHE B 104 -2.97 7.59 6.26
C PHE B 104 -3.86 8.49 7.11
N GLY B 105 -4.22 7.98 8.29
CA GLY B 105 -5.06 8.73 9.18
C GLY B 105 -4.36 9.92 9.80
N GLY B 106 -5.15 10.84 10.34
CA GLY B 106 -4.59 12.01 10.99
C GLY B 106 -3.82 11.68 12.25
N GLY B 107 -4.30 10.72 13.02
CA GLY B 107 -3.65 10.31 14.25
C GLY B 107 -4.43 10.79 15.46
N THR B 108 -4.55 9.92 16.46
CA THR B 108 -5.26 10.23 17.70
C THR B 108 -4.33 10.04 18.89
N GLU B 109 -4.45 10.93 19.87
CA GLU B 109 -3.65 10.87 21.07
C GLU B 109 -4.48 10.28 22.20
N VAL B 110 -3.96 9.23 22.83
CA VAL B 110 -4.66 8.51 23.89
C VAL B 110 -3.94 8.78 25.20
N VAL B 111 -4.65 9.39 26.16
CA VAL B 111 -4.12 9.64 27.49
C VAL B 111 -4.93 8.80 28.47
N VAL B 112 -4.23 8.06 29.34
CA VAL B 112 -4.86 7.17 30.28
C VAL B 112 -4.85 7.82 31.65
N ARG B 113 -6.03 8.13 32.18
CA ARG B 113 -6.15 8.76 33.48
C ARG B 113 -5.96 7.74 34.59
N GLY B 114 -5.03 8.02 35.50
CA GLY B 114 -4.78 7.16 36.63
C GLY B 114 -4.99 7.87 37.95
N ASP B 115 -4.57 7.26 39.05
CA ASP B 115 -4.70 7.90 40.35
C ASP B 115 -3.79 9.12 40.41
N PRO B 116 -4.32 10.29 40.75
CA PRO B 116 -3.49 11.51 40.76
C PRO B 116 -2.37 11.41 41.77
N VAL B 117 -1.20 11.92 41.37
CA VAL B 117 -0.01 11.93 42.22
C VAL B 117 0.54 13.35 42.24
N ALA B 118 0.89 13.83 43.42
CA ALA B 118 1.46 15.17 43.54
C ALA B 118 2.86 15.21 42.92
N PRO B 119 3.23 16.35 42.32
CA PRO B 119 4.57 16.47 41.72
C PRO B 119 5.62 16.80 42.76
N SER B 120 6.70 16.04 42.77
CA SER B 120 7.88 16.36 43.56
C SER B 120 8.76 17.28 42.72
N VAL B 121 8.83 18.55 43.12
CA VAL B 121 9.48 19.59 42.32
C VAL B 121 10.92 19.77 42.78
N LEU B 122 11.84 19.75 41.83
CA LEU B 122 13.26 19.98 42.07
C LEU B 122 13.73 21.11 41.17
N ILE B 123 14.56 22.00 41.73
CA ILE B 123 15.11 23.13 40.99
C ILE B 123 16.62 23.03 41.04
N PHE B 124 17.26 23.37 39.91
CA PHE B 124 18.71 23.34 39.80
C PHE B 124 19.19 24.72 39.37
N PRO B 125 19.97 25.41 40.19
CA PRO B 125 20.56 26.69 39.77
C PRO B 125 21.58 26.46 38.67
N PRO B 126 21.84 27.47 37.84
CA PRO B 126 22.80 27.31 36.75
C PRO B 126 24.20 27.01 37.27
N ALA B 127 24.94 26.22 36.49
CA ALA B 127 26.28 25.82 36.87
C ALA B 127 27.25 26.99 36.73
N ALA B 128 28.44 26.82 37.33
CA ALA B 128 29.45 27.86 37.26
C ALA B 128 29.92 28.09 35.82
N ASP B 129 30.05 27.01 35.05
CA ASP B 129 30.49 27.14 33.67
C ASP B 129 29.50 27.89 32.79
N GLN B 130 28.22 27.90 33.17
CA GLN B 130 27.20 28.51 32.32
C GLN B 130 27.31 30.03 32.31
N VAL B 131 27.52 30.64 33.48
CA VAL B 131 27.52 32.09 33.56
C VAL B 131 28.68 32.70 32.77
N ALA B 132 29.78 31.96 32.63
CA ALA B 132 30.93 32.48 31.89
C ALA B 132 30.65 32.61 30.41
N THR B 133 29.77 31.77 29.86
CA THR B 133 29.49 31.80 28.43
C THR B 133 28.66 33.02 28.03
N GLY B 134 27.90 33.59 28.95
CA GLY B 134 27.05 34.72 28.67
C GLY B 134 25.57 34.37 28.55
N THR B 135 25.24 33.11 28.29
CA THR B 135 23.87 32.63 28.26
C THR B 135 23.63 31.70 29.44
N VAL B 136 22.60 31.98 30.22
CA VAL B 136 22.31 31.27 31.46
C VAL B 136 20.89 30.73 31.40
N THR B 137 20.73 29.47 31.78
CA THR B 137 19.43 28.84 31.86
C THR B 137 19.26 28.12 33.19
N ILE B 138 18.03 28.09 33.68
CA ILE B 138 17.68 27.48 34.96
C ILE B 138 16.72 26.34 34.71
N VAL B 139 16.97 25.19 35.32
CA VAL B 139 16.18 23.98 35.10
C VAL B 139 15.33 23.70 36.32
N CYS B 140 14.03 23.53 36.11
CA CYS B 140 13.08 23.14 37.15
C CYS B 140 12.25 21.98 36.63
N VAL B 141 12.16 20.92 37.43
CA VAL B 141 11.50 19.68 37.00
C VAL B 141 10.41 19.30 38.00
N ALA B 142 9.39 18.63 37.48
CA ALA B 142 8.32 18.04 38.29
C ALA B 142 8.23 16.56 37.95
N ASN B 143 8.30 15.72 38.98
CA ASN B 143 8.48 14.29 38.81
C ASN B 143 7.25 13.52 39.29
N LYS B 144 6.83 12.54 38.49
CA LYS B 144 5.82 11.56 38.88
C LYS B 144 4.52 12.25 39.30
N TYR B 145 3.89 12.90 38.33
CA TYR B 145 2.68 13.66 38.59
C TYR B 145 1.61 13.34 37.56
N PHE B 146 0.36 13.59 37.96
CA PHE B 146 -0.83 13.46 37.13
C PHE B 146 -2.00 14.16 37.81
N PRO B 147 -2.80 14.96 37.08
CA PRO B 147 -2.70 15.26 35.65
C PRO B 147 -1.70 16.37 35.32
N ASP B 148 -1.85 16.96 34.15
CA ASP B 148 -0.92 17.97 33.66
C ASP B 148 -0.91 19.19 34.57
N VAL B 149 0.22 19.89 34.58
CA VAL B 149 0.44 21.04 35.44
C VAL B 149 0.85 22.24 34.59
N THR B 150 0.83 23.41 35.20
CA THR B 150 1.30 24.65 34.59
C THR B 150 2.45 25.19 35.45
N VAL B 151 3.53 25.61 34.80
CA VAL B 151 4.74 26.05 35.48
C VAL B 151 4.84 27.57 35.35
N THR B 152 5.10 28.23 36.48
CA THR B 152 5.22 29.69 36.53
C THR B 152 6.60 30.06 37.07
N TRP B 153 7.26 31.00 36.41
CA TRP B 153 8.57 31.50 36.80
C TRP B 153 8.44 32.93 37.30
N GLU B 154 9.00 33.20 38.47
CA GLU B 154 8.97 34.52 39.08
C GLU B 154 10.38 34.93 39.50
N VAL B 155 10.76 36.16 39.19
CA VAL B 155 12.04 36.72 39.58
C VAL B 155 11.77 37.94 40.46
N ASP B 156 12.20 37.87 41.73
CA ASP B 156 11.99 38.92 42.70
C ASP B 156 10.51 39.29 42.84
N GLY B 157 9.63 38.33 42.60
CA GLY B 157 8.21 38.54 42.69
C GLY B 157 7.51 38.83 41.37
N THR B 158 8.25 39.15 40.32
CA THR B 158 7.68 39.47 39.02
C THR B 158 7.71 38.23 38.13
N THR B 159 6.57 37.92 37.52
CA THR B 159 6.46 36.73 36.69
C THR B 159 7.17 36.93 35.36
N GLN B 160 7.96 35.93 34.96
CA GLN B 160 8.63 35.96 33.68
C GLN B 160 7.68 35.54 32.57
N THR B 161 7.96 36.01 31.35
CA THR B 161 7.08 35.75 30.22
C THR B 161 7.85 35.23 29.01
N THR B 162 9.13 35.58 28.90
CA THR B 162 9.93 35.26 27.74
C THR B 162 11.05 34.31 28.10
N GLY B 163 11.39 33.41 27.17
CA GLY B 163 12.50 32.50 27.35
C GLY B 163 12.21 31.32 28.25
N ILE B 164 11.00 30.77 28.20
CA ILE B 164 10.63 29.62 29.01
C ILE B 164 10.27 28.47 28.06
N GLU B 165 10.85 27.31 28.30
CA GLU B 165 10.61 26.12 27.50
C GLU B 165 10.23 24.95 28.41
N ASN B 166 9.26 24.15 27.95
CA ASN B 166 8.76 23.02 28.71
C ASN B 166 8.78 21.77 27.86
N SER B 167 9.36 20.69 28.41
CA SER B 167 9.39 19.38 27.77
C SER B 167 8.80 18.36 28.73
N LYS B 168 7.80 17.62 28.24
CA LYS B 168 7.04 16.69 29.08
C LYS B 168 7.31 15.26 28.65
N THR B 169 7.58 14.40 29.62
CA THR B 169 7.80 12.99 29.35
C THR B 169 6.48 12.31 29.02
N PRO B 170 6.47 11.35 28.08
CA PRO B 170 5.27 10.55 27.88
C PRO B 170 4.92 9.74 29.12
N GLN B 171 3.65 9.37 29.22
CA GLN B 171 3.15 8.68 30.41
C GLN B 171 3.91 7.39 30.64
N ASN B 172 4.25 7.14 31.91
CA ASN B 172 4.94 5.91 32.27
C ASN B 172 4.02 4.71 32.03
N SER B 173 4.59 3.64 31.50
CA SER B 173 3.87 2.40 31.20
C SER B 173 3.49 1.62 32.44
N ALA B 174 3.74 2.14 33.64
CA ALA B 174 3.44 1.42 34.87
C ALA B 174 2.39 2.13 35.72
N ASP B 175 2.54 3.44 35.94
CA ASP B 175 1.64 4.17 36.82
C ASP B 175 0.94 5.34 36.15
N CYS B 176 1.11 5.54 34.85
CA CYS B 176 0.44 6.59 34.09
C CYS B 176 0.74 7.97 34.67
N THR B 177 2.03 8.28 34.77
CA THR B 177 2.49 9.53 35.36
C THR B 177 3.40 10.28 34.39
N TYR B 178 3.44 11.60 34.56
CA TYR B 178 4.21 12.49 33.70
C TYR B 178 5.48 12.96 34.40
N ASN B 179 6.40 13.47 33.60
CA ASN B 179 7.58 14.17 34.10
C ASN B 179 7.82 15.38 33.21
N LEU B 180 7.98 16.55 33.82
CA LEU B 180 8.11 17.80 33.09
C LEU B 180 9.42 18.49 33.46
N SER B 181 10.05 19.11 32.47
CA SER B 181 11.25 19.92 32.67
C SER B 181 11.00 21.30 32.10
N SER B 182 11.19 22.32 32.94
CA SER B 182 11.00 23.72 32.55
C SER B 182 12.34 24.43 32.58
N THR B 183 12.70 25.06 31.47
CA THR B 183 13.96 25.78 31.34
C THR B 183 13.68 27.25 31.12
N LEU B 184 14.31 28.11 31.93
CA LEU B 184 14.20 29.56 31.80
C LEU B 184 15.57 30.09 31.40
N THR B 185 15.70 30.50 30.14
CA THR B 185 16.97 30.97 29.59
C THR B 185 17.02 32.48 29.65
N LEU B 186 18.12 33.01 30.19
CA LEU B 186 18.31 34.45 30.29
C LEU B 186 19.74 34.77 29.88
N THR B 187 20.16 36.01 30.11
CA THR B 187 21.52 36.45 29.86
C THR B 187 22.25 36.63 31.19
N SER B 188 23.57 36.48 31.15
CA SER B 188 24.36 36.59 32.37
C SER B 188 24.23 37.96 33.01
N THR B 189 24.07 39.01 32.19
CA THR B 189 23.85 40.34 32.75
C THR B 189 22.53 40.41 33.51
N GLN B 190 21.47 39.81 32.96
CA GLN B 190 20.18 39.79 33.64
C GLN B 190 20.23 38.92 34.88
N TYR B 191 20.92 37.78 34.80
CA TYR B 191 20.95 36.84 35.92
C TYR B 191 21.69 37.41 37.12
N ASN B 192 22.66 38.29 36.89
CA ASN B 192 23.41 38.89 37.98
C ASN B 192 22.71 40.09 38.61
N SER B 193 21.52 40.45 38.12
CA SER B 193 20.76 41.57 38.65
C SER B 193 19.77 41.13 39.72
N HIS B 194 18.96 40.12 39.41
CA HIS B 194 17.95 39.64 40.35
C HIS B 194 18.54 38.61 41.31
N LYS B 195 17.85 38.42 42.43
CA LYS B 195 18.29 37.49 43.46
C LYS B 195 17.30 36.35 43.70
N GLU B 196 16.01 36.66 43.81
CA GLU B 196 15.00 35.65 44.10
C GLU B 196 14.51 35.03 42.80
N TYR B 197 14.76 33.73 42.63
CA TYR B 197 14.30 32.98 41.48
C TYR B 197 13.37 31.87 41.97
N THR B 198 12.14 31.85 41.44
CA THR B 198 11.09 30.96 41.94
C THR B 198 10.51 30.14 40.79
N CYS B 199 10.37 28.84 41.01
CA CYS B 199 9.66 27.95 40.10
C CYS B 199 8.39 27.47 40.79
N LYS B 200 7.24 27.75 40.18
CA LYS B 200 5.95 27.41 40.76
C LYS B 200 5.24 26.42 39.84
N VAL B 201 4.87 25.27 40.40
CA VAL B 201 4.16 24.23 39.66
C VAL B 201 2.76 24.11 40.24
N THR B 202 1.75 24.33 39.40
CA THR B 202 0.35 24.32 39.83
C THR B 202 -0.36 23.12 39.21
N GLN B 203 -0.94 22.28 40.07
CA GLN B 203 -1.72 21.13 39.65
C GLN B 203 -3.17 21.40 40.09
N GLY B 204 -3.90 22.11 39.25
CA GLY B 204 -5.25 22.53 39.61
C GLY B 204 -5.23 23.49 40.78
N THR B 205 -5.71 23.04 41.93
CA THR B 205 -5.67 23.85 43.15
C THR B 205 -4.35 23.72 43.90
N THR B 206 -3.68 22.57 43.78
CA THR B 206 -2.42 22.35 44.48
C THR B 206 -1.29 23.06 43.75
N SER B 207 -0.44 23.75 44.51
CA SER B 207 0.73 24.43 43.97
C SER B 207 1.94 24.06 44.81
N VAL B 208 3.02 23.63 44.14
CA VAL B 208 4.28 23.33 44.80
C VAL B 208 5.31 24.34 44.32
N VAL B 209 5.83 25.14 45.26
CA VAL B 209 6.75 26.23 44.95
C VAL B 209 8.15 25.84 45.41
N GLN B 210 9.10 25.90 44.48
CA GLN B 210 10.50 25.63 44.78
C GLN B 210 11.31 26.83 44.30
N SER B 211 12.07 27.45 45.21
CA SER B 211 12.78 28.67 44.91
C SER B 211 14.20 28.59 45.46
N PHE B 212 15.03 29.54 45.06
CA PHE B 212 16.39 29.67 45.56
C PHE B 212 16.84 31.11 45.37
N ASN B 213 17.86 31.49 46.14
CA ASN B 213 18.43 32.83 46.08
C ASN B 213 19.85 32.76 45.54
N ARG B 214 20.16 33.66 44.63
CA ARG B 214 21.50 33.70 44.04
C ARG B 214 22.53 34.08 45.10
N GLY B 215 23.71 33.47 45.04
CA GLY B 215 24.76 33.73 45.99
C GLY B 215 24.57 33.10 47.35
N ASP B 216 23.66 32.14 47.48
CA ASP B 216 23.42 31.48 48.77
C ASP B 216 23.71 29.99 48.68
N ASN C 6 0.71 8.21 -31.49
CA ASN C 6 1.20 6.84 -31.58
C ASN C 6 0.06 5.86 -31.79
N VAL C 7 -0.68 6.06 -32.89
CA VAL C 7 -1.85 5.25 -33.18
C VAL C 7 -1.42 3.84 -33.58
N TYR C 8 -2.23 2.85 -33.23
CA TYR C 8 -2.00 1.46 -33.58
C TYR C 8 -3.06 1.00 -34.57
N ASP C 9 -2.71 0.00 -35.37
CA ASP C 9 -3.53 -0.44 -36.49
C ASP C 9 -4.24 -1.75 -36.20
N MET C 10 -5.51 -1.84 -36.58
CA MET C 10 -6.29 -3.08 -36.54
C MET C 10 -6.70 -3.42 -37.96
N LYS C 11 -6.02 -4.41 -38.55
CA LYS C 11 -6.27 -4.80 -39.93
C LYS C 11 -7.51 -5.69 -40.01
N ILE C 12 -8.32 -5.45 -41.05
CA ILE C 12 -9.52 -6.23 -41.32
C ILE C 12 -9.50 -6.62 -42.79
N GLU C 13 -9.75 -7.90 -43.06
CA GLU C 13 -9.72 -8.42 -44.42
C GLU C 13 -11.14 -8.65 -44.93
N CYS C 14 -11.38 -8.25 -46.17
CA CYS C 14 -12.69 -8.32 -46.79
C CYS C 14 -12.63 -9.08 -48.10
N PRO C 15 -13.60 -9.97 -48.35
CA PRO C 15 -13.66 -10.68 -49.63
C PRO C 15 -14.26 -9.80 -50.71
N HIS C 16 -14.14 -10.27 -51.95
CA HIS C 16 -14.65 -9.51 -53.09
C HIS C 16 -16.18 -9.47 -53.09
N THR C 17 -16.83 -10.57 -52.75
CA THR C 17 -18.28 -10.63 -52.73
C THR C 17 -18.77 -10.42 -51.30
N VAL C 18 -19.77 -9.55 -51.15
CA VAL C 18 -20.27 -9.13 -49.85
C VAL C 18 -21.71 -9.59 -49.69
N SER C 19 -22.03 -10.09 -48.49
CA SER C 19 -23.40 -10.42 -48.09
C SER C 19 -23.96 -11.62 -48.87
N PHE C 20 -23.16 -12.69 -48.93
CA PHE C 20 -23.72 -13.98 -49.33
C PHE C 20 -24.62 -14.54 -48.24
N GLY C 21 -24.39 -14.14 -46.99
CA GLY C 21 -25.18 -14.64 -45.89
C GLY C 21 -25.07 -13.73 -44.68
N GLU C 22 -25.58 -14.25 -43.55
CA GLU C 22 -25.62 -13.53 -42.28
C GLU C 22 -24.29 -13.68 -41.53
N ASN C 23 -23.22 -13.21 -42.17
CA ASN C 23 -21.86 -13.44 -41.72
C ASN C 23 -21.21 -12.15 -41.25
N SER C 24 -20.28 -12.28 -40.30
CA SER C 24 -19.57 -11.15 -39.72
C SER C 24 -18.08 -11.45 -39.66
N VAL C 25 -17.28 -10.39 -39.68
CA VAL C 25 -15.83 -10.48 -39.61
C VAL C 25 -15.33 -9.87 -38.30
N ILE C 26 -14.13 -10.26 -37.91
CA ILE C 26 -13.55 -9.85 -36.62
C ILE C 26 -12.08 -9.47 -36.82
N GLY C 27 -11.64 -8.47 -36.05
CA GLY C 27 -10.24 -8.12 -36.02
C GLY C 27 -9.80 -7.86 -34.58
N TYR C 28 -8.49 -7.91 -34.38
CA TYR C 28 -7.94 -7.74 -33.04
C TYR C 28 -6.58 -7.04 -33.11
N VAL C 29 -6.18 -6.46 -31.99
CA VAL C 29 -4.90 -5.78 -31.87
C VAL C 29 -4.47 -5.83 -30.41
N GLU C 30 -3.21 -6.15 -30.17
CA GLU C 30 -2.65 -6.21 -28.83
C GLU C 30 -1.97 -4.88 -28.51
N LEU C 31 -2.37 -4.28 -27.37
CA LEU C 31 -1.92 -2.96 -26.99
C LEU C 31 -0.80 -3.04 -25.95
N PRO C 32 0.05 -2.01 -25.88
CA PRO C 32 1.14 -2.01 -24.90
C PRO C 32 0.60 -1.95 -23.48
N PRO C 33 1.40 -2.35 -22.48
CA PRO C 33 0.90 -2.38 -21.10
C PRO C 33 0.49 -1.01 -20.61
N MET C 34 -0.54 -0.99 -19.78
CA MET C 34 -1.06 0.20 -19.13
C MET C 34 -1.30 -0.11 -17.66
N PRO C 35 -1.32 0.91 -16.80
CA PRO C 35 -1.59 0.66 -15.38
C PRO C 35 -2.97 0.04 -15.17
N LEU C 36 -3.04 -0.87 -14.19
CA LEU C 36 -4.30 -1.57 -13.93
C LEU C 36 -5.38 -0.62 -13.44
N ALA C 37 -5.00 0.37 -12.63
CA ALA C 37 -5.99 1.31 -12.07
C ALA C 37 -6.70 2.10 -13.16
N ASP C 38 -6.03 2.34 -14.30
CA ASP C 38 -6.62 3.14 -15.37
C ASP C 38 -7.60 2.34 -16.23
N THR C 39 -7.69 1.03 -16.05
CA THR C 39 -8.62 0.22 -16.83
C THR C 39 -10.05 0.26 -16.30
N ALA C 40 -10.28 0.84 -15.13
CA ALA C 40 -11.63 0.93 -14.58
C ALA C 40 -12.47 1.90 -15.39
N GLN C 41 -13.71 1.50 -15.66
CA GLN C 41 -14.68 2.29 -16.43
C GLN C 41 -14.17 2.65 -17.82
N MET C 42 -13.21 1.89 -18.34
CA MET C 42 -12.69 2.14 -19.68
C MET C 42 -13.63 1.50 -20.69
N VAL C 43 -14.20 2.32 -21.57
CA VAL C 43 -15.14 1.84 -22.58
C VAL C 43 -14.68 2.31 -23.96
N PRO C 44 -14.87 1.51 -25.00
CA PRO C 44 -14.50 1.96 -26.35
C PRO C 44 -15.43 3.05 -26.85
N GLU C 45 -14.84 4.07 -27.44
CA GLU C 45 -15.58 5.16 -28.10
C GLU C 45 -15.23 5.06 -29.58
N SER C 46 -16.16 4.55 -30.38
CA SER C 46 -15.93 4.26 -31.78
C SER C 46 -16.43 5.40 -32.66
N SER C 47 -15.77 5.57 -33.80
CA SER C 47 -16.13 6.60 -34.78
C SER C 47 -16.55 5.99 -36.10
N CYS C 48 -16.93 4.72 -36.11
CA CYS C 48 -17.38 4.07 -37.34
C CYS C 48 -18.82 4.46 -37.65
N SER C 49 -19.23 4.20 -38.90
CA SER C 49 -20.61 4.45 -39.31
C SER C 49 -21.60 3.50 -38.65
N MET C 50 -21.12 2.44 -38.01
CA MET C 50 -21.98 1.47 -37.33
C MET C 50 -21.82 1.66 -35.83
N ASP C 51 -22.91 2.06 -35.16
CA ASP C 51 -22.86 2.35 -33.74
C ASP C 51 -22.59 1.06 -32.95
N ASN C 52 -21.76 1.18 -31.92
CA ASN C 52 -21.44 0.04 -31.08
C ASN C 52 -22.67 -0.41 -30.30
N HIS C 53 -22.74 -1.73 -30.06
CA HIS C 53 -23.85 -2.29 -29.31
C HIS C 53 -23.87 -1.75 -27.88
N GLN C 54 -25.06 -1.36 -27.42
CA GLN C 54 -25.19 -0.75 -26.10
C GLN C 54 -24.97 -1.74 -24.98
N SER C 55 -25.11 -3.05 -25.23
CA SER C 55 -24.95 -4.04 -24.18
C SER C 55 -23.50 -4.25 -23.78
N ILE C 56 -22.55 -3.91 -24.67
CA ILE C 56 -21.14 -4.07 -24.34
C ILE C 56 -20.73 -3.07 -23.26
N ASN C 57 -21.22 -1.84 -23.36
CA ASN C 57 -20.88 -0.81 -22.38
C ASN C 57 -21.60 -0.97 -21.06
N THR C 58 -22.54 -1.92 -20.95
CA THR C 58 -23.24 -2.15 -19.70
C THR C 58 -22.30 -2.77 -18.66
N ILE C 59 -22.79 -2.82 -17.43
CA ILE C 59 -22.00 -3.28 -16.29
C ILE C 59 -22.14 -4.79 -16.16
N THR C 60 -21.01 -5.49 -16.09
CA THR C 60 -20.96 -6.92 -15.82
C THR C 60 -20.19 -7.13 -14.52
N LYS C 61 -20.83 -7.75 -13.53
CA LYS C 61 -20.23 -7.93 -12.23
C LYS C 61 -19.18 -9.04 -12.30
N TYR C 62 -17.95 -8.70 -11.91
CA TYR C 62 -16.82 -9.62 -11.91
C TYR C 62 -16.35 -9.87 -10.48
N THR C 63 -15.70 -11.02 -10.30
CA THR C 63 -14.98 -11.33 -9.07
C THR C 63 -13.50 -11.07 -9.28
N GLN C 64 -12.93 -10.21 -8.46
CA GLN C 64 -11.51 -9.90 -8.54
C GLN C 64 -10.76 -10.76 -7.54
N VAL C 65 -9.86 -11.61 -8.04
CA VAL C 65 -9.03 -12.47 -7.22
C VAL C 65 -7.60 -11.98 -7.35
N ILE C 66 -7.00 -11.59 -6.23
CA ILE C 66 -5.65 -11.04 -6.21
C ILE C 66 -4.81 -11.83 -5.22
N TRP C 67 -3.50 -11.74 -5.38
CA TRP C 67 -2.54 -12.36 -4.48
C TRP C 67 -1.68 -11.29 -3.84
N ARG C 68 -1.32 -11.50 -2.58
CA ARG C 68 -0.48 -10.57 -1.85
C ARG C 68 0.26 -11.33 -0.76
N GLY C 69 1.43 -10.81 -0.37
CA GLY C 69 2.14 -11.41 0.74
C GLY C 69 1.32 -11.35 2.01
N LYS C 70 1.45 -12.40 2.84
CA LYS C 70 0.63 -12.50 4.04
C LYS C 70 0.86 -11.31 4.95
N ALA C 71 -0.24 -10.75 5.46
CA ALA C 71 -0.14 -9.54 6.27
C ALA C 71 0.41 -9.81 7.66
N ASP C 72 0.22 -11.01 8.17
CA ASP C 72 0.59 -11.31 9.55
C ASP C 72 2.11 -11.34 9.69
N PRO C 73 2.71 -10.52 10.56
CA PRO C 73 4.15 -10.60 10.77
C PRO C 73 4.55 -11.94 11.36
N GLY C 74 5.76 -12.36 11.03
CA GLY C 74 6.20 -13.71 11.39
C GLY C 74 5.87 -14.67 10.28
N GLN C 75 4.60 -14.72 9.89
CA GLN C 75 4.24 -15.47 8.67
C GLN C 75 4.66 -14.69 7.43
N SER C 76 4.66 -13.36 7.50
CA SER C 76 5.21 -12.57 6.41
C SER C 76 6.71 -12.76 6.28
N SER C 77 7.39 -13.05 7.40
CA SER C 77 8.81 -13.36 7.37
C SER C 77 9.09 -14.68 6.66
N GLN C 78 8.08 -15.55 6.55
CA GLN C 78 8.19 -16.82 5.83
C GLN C 78 7.65 -16.71 4.41
N ASN C 79 7.65 -15.50 3.85
CA ASN C 79 7.27 -15.12 2.48
C ASN C 79 6.12 -15.96 1.92
N SER C 80 5.06 -16.12 2.70
CA SER C 80 3.84 -16.75 2.24
C SER C 80 2.90 -15.69 1.69
N PHE C 81 2.00 -16.11 0.79
CA PHE C 81 1.10 -15.19 0.14
C PHE C 81 -0.35 -15.67 0.28
N GLU C 82 -1.27 -14.71 0.31
CA GLU C 82 -2.68 -14.94 0.54
C GLU C 82 -3.49 -14.45 -0.66
N THR C 83 -4.76 -14.85 -0.69
CA THR C 83 -5.67 -14.49 -1.77
C THR C 83 -6.82 -13.66 -1.22
N VAL C 84 -7.24 -12.66 -1.99
CA VAL C 84 -8.33 -11.77 -1.61
C VAL C 84 -9.37 -11.78 -2.74
N SER C 85 -10.62 -12.00 -2.37
CA SER C 85 -11.72 -12.03 -3.34
C SER C 85 -12.67 -10.87 -3.05
N THR C 86 -13.02 -10.12 -4.11
CA THR C 86 -13.90 -8.98 -3.97
C THR C 86 -14.75 -8.86 -5.23
N GLU C 87 -15.87 -8.15 -5.10
CA GLU C 87 -16.76 -7.92 -6.22
C GLU C 87 -16.43 -6.58 -6.88
N VAL C 88 -16.26 -6.61 -8.20
CA VAL C 88 -15.97 -5.41 -8.98
C VAL C 88 -16.90 -5.37 -10.19
N ASP C 89 -17.05 -4.18 -10.75
CA ASP C 89 -17.88 -3.95 -11.94
C ASP C 89 -16.97 -3.63 -13.12
N LEU C 90 -17.05 -4.44 -14.17
CA LEU C 90 -16.24 -4.27 -15.37
C LEU C 90 -17.14 -4.03 -16.57
N LYS C 91 -16.84 -3.00 -17.34
CA LYS C 91 -17.59 -2.65 -18.54
C LYS C 91 -16.69 -2.76 -19.75
N GLY C 92 -17.28 -3.12 -20.89
CA GLY C 92 -16.55 -3.23 -22.13
C GLY C 92 -15.85 -4.56 -22.36
N THR C 93 -15.87 -5.45 -21.38
CA THR C 93 -15.26 -6.76 -21.57
C THR C 93 -16.08 -7.60 -22.54
N CYS C 94 -15.42 -8.61 -23.13
CA CYS C 94 -16.05 -9.44 -24.16
C CYS C 94 -17.00 -10.45 -23.50
N VAL C 95 -18.10 -9.92 -22.96
CA VAL C 95 -19.18 -10.73 -22.42
C VAL C 95 -20.38 -10.59 -23.34
N LEU C 96 -20.51 -11.50 -24.29
CA LEU C 96 -21.58 -11.46 -25.26
C LEU C 96 -22.81 -12.20 -24.71
N LYS C 97 -23.97 -11.85 -25.26
CA LYS C 97 -25.24 -12.47 -24.88
C LYS C 97 -25.72 -13.38 -26.00
N HIS C 98 -26.80 -14.10 -25.71
CA HIS C 98 -27.36 -15.05 -26.68
C HIS C 98 -27.89 -14.32 -27.91
N LYS C 99 -27.52 -14.81 -29.09
CA LYS C 99 -27.96 -14.26 -30.37
C LYS C 99 -27.59 -12.78 -30.53
N MET C 100 -26.54 -12.34 -29.84
CA MET C 100 -26.12 -10.94 -29.95
C MET C 100 -25.45 -10.66 -31.29
N VAL C 101 -24.69 -11.63 -31.80
CA VAL C 101 -23.97 -11.41 -33.07
C VAL C 101 -24.96 -11.25 -34.22
N GLU C 102 -25.97 -12.12 -34.27
CA GLU C 102 -26.94 -12.06 -35.36
C GLU C 102 -27.81 -10.81 -35.27
N GLU C 103 -28.24 -10.44 -34.06
CA GLU C 103 -29.03 -9.22 -33.90
C GLU C 103 -28.21 -8.00 -34.25
N SER C 104 -26.93 -7.99 -33.90
CA SER C 104 -26.05 -6.90 -34.32
C SER C 104 -25.89 -6.87 -35.83
N TYR C 105 -25.84 -8.04 -36.46
CA TYR C 105 -25.77 -8.11 -37.92
C TYR C 105 -27.00 -7.49 -38.56
N ARG C 106 -28.19 -7.82 -38.04
CA ARG C 106 -29.41 -7.29 -38.63
C ARG C 106 -29.68 -5.85 -38.23
N SER C 107 -29.03 -5.34 -37.18
CA SER C 107 -29.23 -3.98 -36.73
C SER C 107 -28.12 -3.04 -37.18
N ARG C 108 -27.18 -3.53 -38.00
CA ARG C 108 -26.06 -2.72 -38.48
C ARG C 108 -25.25 -2.12 -37.32
N LYS C 109 -25.10 -2.90 -36.25
CA LYS C 109 -24.40 -2.45 -35.06
C LYS C 109 -23.16 -3.30 -34.83
N SER C 110 -22.08 -2.64 -34.43
CA SER C 110 -20.80 -3.31 -34.19
C SER C 110 -20.70 -3.78 -32.75
N ILE C 111 -19.82 -4.75 -32.53
CA ILE C 111 -19.53 -5.28 -31.21
C ILE C 111 -18.04 -5.03 -30.96
N THR C 112 -17.73 -4.02 -30.14
CA THR C 112 -16.36 -3.65 -29.83
C THR C 112 -16.11 -3.93 -28.35
N CYS C 113 -15.26 -4.91 -28.07
CA CYS C 113 -14.91 -5.28 -26.71
C CYS C 113 -13.42 -5.59 -26.66
N TYR C 114 -12.88 -5.69 -25.45
CA TYR C 114 -11.45 -5.90 -25.27
C TYR C 114 -11.18 -7.00 -24.25
N ASP C 115 -10.12 -7.75 -24.50
CA ASP C 115 -9.58 -8.72 -23.56
C ASP C 115 -8.32 -8.12 -22.92
N LEU C 116 -8.19 -8.30 -21.62
CA LEU C 116 -7.11 -7.69 -20.85
C LEU C 116 -6.19 -8.76 -20.29
N SER C 117 -4.88 -8.57 -20.49
CA SER C 117 -3.83 -9.44 -19.97
C SER C 117 -3.06 -8.66 -18.92
N CYS C 118 -3.17 -9.07 -17.66
CA CYS C 118 -2.66 -8.27 -16.55
C CYS C 118 -1.80 -9.08 -15.61
N ASN C 119 -0.70 -8.47 -15.15
CA ASN C 119 -0.01 -8.92 -13.96
C ASN C 119 -0.59 -8.16 -12.77
N SER C 120 0.09 -8.20 -11.63
CA SER C 120 -0.45 -7.59 -10.41
C SER C 120 -0.64 -6.08 -10.53
N THR C 121 0.05 -5.42 -11.47
CA THR C 121 0.03 -3.96 -11.48
C THR C 121 -0.29 -3.35 -12.85
N PHE C 122 -0.01 -4.07 -13.94
CA PHE C 122 -0.16 -3.53 -15.28
C PHE C 122 -0.99 -4.48 -16.14
N CYS C 123 -1.60 -3.92 -17.18
CA CYS C 123 -2.52 -4.67 -18.05
C CYS C 123 -2.15 -4.49 -19.51
N LYS C 124 -2.20 -5.60 -20.26
CA LYS C 124 -2.07 -5.58 -21.71
C LYS C 124 -3.44 -5.83 -22.33
N PRO C 125 -4.11 -4.80 -22.84
CA PRO C 125 -5.45 -5.02 -23.42
C PRO C 125 -5.36 -5.46 -24.88
N THR C 126 -6.27 -6.35 -25.26
CA THR C 126 -6.41 -6.84 -26.63
C THR C 126 -7.81 -6.48 -27.11
N LEU C 127 -7.89 -5.46 -27.96
CA LEU C 127 -9.18 -4.95 -28.41
C LEU C 127 -9.73 -5.79 -29.55
N TYR C 128 -11.01 -6.13 -29.48
CA TYR C 128 -11.69 -6.89 -30.51
C TYR C 128 -12.84 -6.07 -31.09
N MET C 129 -13.09 -6.27 -32.38
CA MET C 129 -14.22 -5.64 -33.04
C MET C 129 -14.86 -6.64 -33.99
N ILE C 130 -16.16 -6.87 -33.82
CA ILE C 130 -16.93 -7.75 -34.70
C ILE C 130 -17.90 -6.86 -35.48
N VAL C 131 -17.74 -6.85 -36.80
CA VAL C 131 -18.60 -6.05 -37.67
C VAL C 131 -19.15 -6.94 -38.77
N PRO C 132 -20.37 -6.68 -39.25
CA PRO C 132 -20.89 -7.44 -40.39
C PRO C 132 -20.10 -7.12 -41.66
N ILE C 133 -20.16 -8.06 -42.61
CA ILE C 133 -19.52 -7.86 -43.90
C ILE C 133 -20.16 -6.73 -44.69
N HIS C 134 -21.32 -6.22 -44.23
CA HIS C 134 -21.95 -5.09 -44.89
C HIS C 134 -21.07 -3.85 -44.88
N ALA C 135 -20.09 -3.78 -43.98
CA ALA C 135 -19.12 -2.70 -43.96
C ALA C 135 -17.91 -2.98 -44.83
N CYS C 136 -17.86 -4.14 -45.48
CA CYS C 136 -16.74 -4.51 -46.34
C CYS C 136 -16.86 -3.96 -47.76
N ASN C 137 -18.04 -3.44 -48.13
CA ASN C 137 -18.19 -2.84 -49.45
C ASN C 137 -17.85 -1.36 -49.41
N MET C 138 -18.41 -0.62 -48.46
CA MET C 138 -18.05 0.78 -48.29
C MET C 138 -16.61 0.92 -47.81
N MET C 139 -16.20 0.07 -46.86
CA MET C 139 -14.83 0.04 -46.33
C MET C 139 -14.43 1.42 -45.80
N LYS C 140 -15.34 2.06 -45.07
CA LYS C 140 -15.05 3.36 -44.48
C LYS C 140 -14.11 3.21 -43.28
N SER C 141 -13.01 3.95 -43.30
CA SER C 141 -12.04 3.88 -42.22
C SER C 141 -12.64 4.42 -40.93
N CYS C 142 -12.28 3.79 -39.81
CA CYS C 142 -12.84 4.13 -38.51
C CYS C 142 -11.72 4.30 -37.49
N LEU C 143 -12.00 5.09 -36.46
CA LEU C 143 -11.09 5.33 -35.34
C LEU C 143 -11.76 4.89 -34.05
N ILE C 144 -11.05 4.11 -33.25
CA ILE C 144 -11.56 3.61 -31.97
C ILE C 144 -10.62 4.09 -30.86
N ALA C 145 -11.20 4.69 -29.83
CA ALA C 145 -10.46 5.17 -28.68
C ALA C 145 -10.75 4.28 -27.49
N LEU C 146 -9.69 3.77 -26.86
CA LEU C 146 -9.80 2.90 -25.69
C LEU C 146 -8.78 3.37 -24.65
N GLY C 147 -9.25 4.13 -23.66
CA GLY C 147 -8.38 4.70 -22.66
C GLY C 147 -7.36 5.64 -23.27
N PRO C 148 -6.08 5.44 -22.95
CA PRO C 148 -5.03 6.31 -23.49
C PRO C 148 -4.55 5.91 -24.88
N TYR C 149 -5.14 4.88 -25.48
CA TYR C 149 -4.71 4.37 -26.78
C TYR C 149 -5.72 4.75 -27.86
N ARG C 150 -5.23 4.86 -29.08
CA ARG C 150 -6.07 5.08 -30.25
C ARG C 150 -5.78 3.97 -31.26
N VAL C 151 -6.83 3.47 -31.90
CA VAL C 151 -6.71 2.39 -32.87
C VAL C 151 -7.34 2.84 -34.17
N GLN C 152 -6.64 2.61 -35.29
CA GLN C 152 -7.15 2.91 -36.62
C GLN C 152 -7.68 1.63 -37.25
N VAL C 153 -8.95 1.64 -37.64
CA VAL C 153 -9.57 0.50 -38.31
C VAL C 153 -9.20 0.56 -39.79
N VAL C 154 -8.36 -0.39 -40.22
CA VAL C 154 -7.85 -0.43 -41.59
C VAL C 154 -8.43 -1.66 -42.27
N TYR C 155 -9.13 -1.43 -43.37
CA TYR C 155 -9.74 -2.50 -44.16
C TYR C 155 -8.85 -2.85 -45.34
N GLU C 156 -8.56 -4.14 -45.50
CA GLU C 156 -7.75 -4.64 -46.60
C GLU C 156 -8.60 -5.57 -47.44
N ARG C 157 -8.63 -5.32 -48.75
CA ARG C 157 -9.42 -6.11 -49.68
C ARG C 157 -8.58 -7.26 -50.25
N THR C 158 -8.87 -8.47 -49.81
CA THR C 158 -8.20 -9.66 -50.32
C THR C 158 -8.77 -10.02 -51.69
N TYR C 159 -7.98 -10.78 -52.46
CA TYR C 159 -8.40 -11.25 -53.78
C TYR C 159 -9.16 -12.57 -53.70
N CYS C 160 -10.19 -12.60 -52.85
CA CYS C 160 -11.04 -13.77 -52.67
C CYS C 160 -12.50 -13.37 -52.83
N MET C 161 -13.26 -14.21 -53.52
CA MET C 161 -14.69 -13.96 -53.70
C MET C 161 -15.44 -14.09 -52.39
N THR C 162 -15.40 -15.29 -51.80
CA THR C 162 -16.05 -15.55 -50.52
C THR C 162 -15.15 -16.20 -49.48
N GLY C 163 -13.93 -16.61 -49.84
CA GLY C 163 -13.07 -17.36 -48.96
C GLY C 163 -12.24 -16.47 -48.05
N VAL C 164 -11.36 -17.13 -47.30
CA VAL C 164 -10.43 -16.47 -46.39
C VAL C 164 -9.03 -16.70 -46.92
N LEU C 165 -8.21 -15.64 -46.91
CA LEU C 165 -6.86 -15.75 -47.44
C LEU C 165 -6.00 -16.55 -46.48
N ILE C 166 -5.45 -17.66 -46.95
CA ILE C 166 -4.55 -18.50 -46.17
C ILE C 166 -3.34 -18.81 -47.05
N GLU C 167 -2.18 -18.27 -46.67
CA GLU C 167 -0.92 -18.51 -47.38
C GLU C 167 -1.03 -18.17 -48.86
N GLY C 168 -1.69 -17.04 -49.16
CA GLY C 168 -1.83 -16.60 -50.53
C GLY C 168 -2.95 -17.28 -51.31
N LYS C 169 -3.72 -18.15 -50.68
CA LYS C 169 -4.81 -18.85 -51.32
C LYS C 169 -6.09 -18.67 -50.51
N CYS C 170 -7.22 -18.68 -51.21
CA CYS C 170 -8.52 -18.58 -50.55
C CYS C 170 -8.91 -19.93 -49.96
N PHE C 171 -9.83 -19.88 -49.00
CA PHE C 171 -10.31 -21.09 -48.34
C PHE C 171 -11.74 -20.87 -47.89
N VAL C 172 -12.62 -21.81 -48.20
CA VAL C 172 -14.02 -21.75 -47.81
C VAL C 172 -14.31 -22.96 -46.94
N PRO C 173 -14.65 -22.77 -45.67
CA PRO C 173 -15.11 -23.89 -44.83
C PRO C 173 -16.61 -24.13 -45.01
N ASP C 174 -17.01 -25.34 -45.33
CA ASP C 174 -18.42 -25.62 -45.54
C ASP C 174 -19.05 -26.25 -44.29
N GLN C 175 -20.37 -26.16 -44.22
CA GLN C 175 -21.13 -26.51 -43.03
C GLN C 175 -21.69 -27.92 -43.13
N SER C 176 -21.55 -28.66 -42.03
CA SER C 176 -22.00 -30.04 -41.83
C SER C 176 -21.27 -31.05 -42.70
N VAL C 177 -21.43 -32.33 -42.36
CA VAL C 177 -20.81 -33.41 -43.10
C VAL C 177 -21.49 -33.63 -44.45
N VAL C 178 -22.78 -33.35 -44.55
CA VAL C 178 -23.53 -33.63 -45.77
C VAL C 178 -22.98 -32.84 -46.95
N SER C 179 -22.62 -31.57 -46.74
CA SER C 179 -22.05 -30.79 -47.83
C SER C 179 -20.74 -31.37 -48.32
N ILE C 180 -19.89 -31.82 -47.39
CA ILE C 180 -18.62 -32.44 -47.76
C ILE C 180 -18.85 -33.72 -48.54
N ILE C 181 -19.80 -34.55 -48.09
CA ILE C 181 -20.10 -35.81 -48.77
C ILE C 181 -20.60 -35.54 -50.19
N LYS C 182 -21.47 -34.54 -50.34
CA LYS C 182 -21.98 -34.20 -51.67
C LYS C 182 -20.86 -33.67 -52.56
N HIS C 183 -19.96 -32.85 -52.01
CA HIS C 183 -18.85 -32.33 -52.80
C HIS C 183 -17.87 -33.43 -53.18
N GLY C 184 -17.80 -34.51 -52.41
CA GLY C 184 -16.99 -35.65 -52.77
C GLY C 184 -15.49 -35.43 -52.69
N ILE C 185 -15.04 -34.22 -52.37
CA ILE C 185 -13.61 -33.95 -52.16
C ILE C 185 -13.50 -32.64 -51.42
N PHE C 186 -12.48 -32.52 -50.57
CA PHE C 186 -12.29 -31.32 -49.77
C PHE C 186 -10.85 -31.29 -49.28
N ASP C 187 -10.44 -30.11 -48.81
CA ASP C 187 -9.11 -29.91 -48.29
C ASP C 187 -9.19 -29.21 -46.94
N ILE C 188 -8.24 -29.52 -46.06
CA ILE C 188 -8.25 -29.02 -44.69
C ILE C 188 -6.95 -28.26 -44.43
N ALA C 189 -7.07 -27.05 -43.89
CA ALA C 189 -5.91 -26.22 -43.61
C ALA C 189 -6.14 -25.46 -42.31
N SER C 190 -5.04 -25.01 -41.70
CA SER C 190 -5.11 -24.27 -40.45
C SER C 190 -5.65 -22.88 -40.70
N VAL C 191 -6.75 -22.53 -40.02
CA VAL C 191 -7.43 -21.25 -40.19
C VAL C 191 -7.48 -20.55 -38.83
N HIS C 192 -7.09 -19.27 -38.82
CA HIS C 192 -7.16 -18.50 -37.59
C HIS C 192 -8.60 -18.29 -37.17
N VAL C 193 -8.84 -18.29 -35.87
CA VAL C 193 -10.20 -18.22 -35.33
C VAL C 193 -10.17 -17.53 -33.97
N VAL C 194 -11.17 -16.69 -33.72
CA VAL C 194 -11.36 -16.01 -32.45
C VAL C 194 -12.72 -16.39 -31.91
N CYS C 195 -12.78 -16.80 -30.65
CA CYS C 195 -14.00 -17.30 -30.05
C CYS C 195 -14.33 -16.57 -28.75
N PHE C 196 -15.62 -16.51 -28.44
CA PHE C 196 -16.12 -15.92 -27.20
C PHE C 196 -17.13 -16.87 -26.56
N PHE C 197 -17.09 -16.95 -25.24
CA PHE C 197 -18.00 -17.81 -24.49
C PHE C 197 -19.25 -17.04 -24.10
N VAL C 198 -20.41 -17.61 -24.41
CA VAL C 198 -21.69 -17.03 -24.01
C VAL C 198 -22.39 -18.01 -23.07
N ALA C 199 -22.72 -17.56 -21.87
CA ALA C 199 -23.36 -18.39 -20.86
C ALA C 199 -24.86 -18.15 -20.87
N VAL C 200 -25.64 -19.23 -20.95
CA VAL C 200 -27.09 -19.15 -20.96
C VAL C 200 -27.66 -20.41 -20.32
N LYS C 201 -28.55 -20.22 -19.35
CA LYS C 201 -29.20 -21.33 -18.67
C LYS C 201 -30.31 -21.91 -19.54
N GLY C 202 -30.53 -23.22 -19.39
CA GLY C 202 -31.55 -23.90 -20.17
C GLY C 202 -31.49 -25.39 -19.96
N ASN C 203 -32.26 -26.11 -20.79
CA ASN C 203 -32.28 -27.56 -20.76
C ASN C 203 -31.54 -28.19 -21.92
N THR C 204 -31.31 -27.46 -23.01
CA THR C 204 -30.55 -27.95 -24.16
C THR C 204 -29.10 -27.54 -24.11
N TYR C 205 -28.66 -26.91 -23.03
CA TYR C 205 -27.31 -26.36 -22.91
C TYR C 205 -26.45 -27.13 -21.91
N LYS C 206 -26.63 -28.44 -21.84
CA LYS C 206 -25.79 -29.26 -20.98
C LYS C 206 -24.39 -29.40 -21.58
N LEU C 207 -23.52 -28.45 -21.26
CA LEU C 207 -22.22 -28.37 -21.91
C LEU C 207 -21.31 -29.53 -21.53
N PHE C 208 -21.19 -29.84 -20.24
CA PHE C 208 -20.16 -30.77 -19.80
C PHE C 208 -20.51 -32.24 -20.02
N GLU C 209 -21.79 -32.56 -20.18
CA GLU C 209 -22.13 -33.92 -20.61
C GLU C 209 -21.57 -34.20 -22.01
N GLN C 210 -21.42 -33.16 -22.83
CA GLN C 210 -20.73 -33.27 -24.11
C GLN C 210 -19.22 -33.09 -23.97
N VAL C 211 -18.77 -32.32 -22.99
CA VAL C 211 -17.33 -32.15 -22.77
C VAL C 211 -16.69 -33.48 -22.40
N LYS C 212 -17.35 -34.25 -21.52
CA LYS C 212 -16.83 -35.56 -21.18
C LYS C 212 -16.80 -36.50 -22.38
N LYS C 213 -17.70 -36.29 -23.34
CA LYS C 213 -17.74 -37.16 -24.51
C LYS C 213 -16.56 -36.91 -25.42
N SER C 214 -16.15 -35.65 -25.58
CA SER C 214 -15.06 -35.35 -26.52
C SER C 214 -13.73 -35.82 -25.97
N PHE C 215 -13.46 -35.55 -24.70
CA PHE C 215 -12.21 -35.96 -24.05
C PHE C 215 -12.54 -36.63 -22.73
N GLU C 216 -11.68 -37.59 -22.36
CA GLU C 216 -11.91 -38.38 -21.15
C GLU C 216 -11.60 -37.59 -19.88
N SER C 217 -12.60 -36.86 -19.38
CA SER C 217 -12.47 -36.07 -18.16
C SER C 217 -13.56 -36.49 -17.18
N THR C 218 -13.16 -36.80 -15.95
CA THR C 218 -14.09 -37.22 -14.91
C THR C 218 -14.74 -35.98 -14.30
N CYS C 219 -15.93 -35.64 -14.81
CA CYS C 219 -16.68 -34.46 -14.36
C CYS C 219 -18.08 -34.93 -13.99
N ASN C 220 -18.27 -35.28 -12.73
CA ASN C 220 -19.57 -35.70 -12.22
C ASN C 220 -20.37 -34.50 -11.73
N ASP C 221 -21.67 -34.71 -11.57
CA ASP C 221 -22.62 -33.66 -11.18
C ASP C 221 -22.54 -32.50 -12.16
N THR C 222 -22.82 -32.80 -13.42
CA THR C 222 -22.76 -31.79 -14.47
C THR C 222 -23.95 -30.83 -14.43
N GLU C 223 -25.00 -31.17 -13.68
CA GLU C 223 -26.18 -30.32 -13.65
C GLU C 223 -25.90 -29.00 -12.95
N ASN C 224 -25.08 -29.01 -11.90
CA ASN C 224 -24.76 -27.80 -11.17
C ASN C 224 -23.65 -26.98 -11.82
N LYS C 225 -23.13 -27.42 -12.96
CA LYS C 225 -22.06 -26.71 -13.64
C LYS C 225 -22.64 -25.73 -14.66
N VAL C 226 -21.74 -24.93 -15.24
CA VAL C 226 -22.17 -23.85 -16.13
C VAL C 226 -22.77 -24.42 -17.40
N GLN C 227 -23.77 -23.73 -17.92
CA GLN C 227 -24.46 -24.11 -19.15
C GLN C 227 -24.27 -23.03 -20.19
N GLY C 228 -23.88 -23.42 -21.39
CA GLY C 228 -23.69 -22.46 -22.46
C GLY C 228 -22.90 -23.05 -23.61
N TYR C 229 -22.69 -22.20 -24.61
CA TYR C 229 -21.88 -22.52 -25.78
C TYR C 229 -20.95 -21.36 -26.05
N TYR C 230 -20.00 -21.56 -26.96
CA TYR C 230 -19.10 -20.49 -27.36
C TYR C 230 -19.13 -20.33 -28.88
N ILE C 231 -19.34 -19.10 -29.34
CA ILE C 231 -19.42 -18.77 -30.75
C ILE C 231 -18.09 -18.19 -31.21
N CYS C 232 -17.57 -18.72 -32.32
CA CYS C 232 -16.27 -18.33 -32.83
C CYS C 232 -16.41 -17.84 -34.27
N ILE C 233 -15.55 -16.89 -34.63
CA ILE C 233 -15.52 -16.29 -35.96
C ILE C 233 -14.25 -16.74 -36.65
N VAL C 234 -14.41 -17.38 -37.81
CA VAL C 234 -13.26 -17.86 -38.58
C VAL C 234 -12.90 -16.87 -39.68
N GLY C 235 -13.40 -15.64 -39.59
CA GLY C 235 -13.06 -14.58 -40.53
C GLY C 235 -13.64 -14.79 -41.92
N GLY C 236 -13.73 -13.70 -42.68
CA GLY C 236 -14.26 -13.82 -44.03
C GLY C 236 -15.76 -14.05 -44.05
N ASN C 237 -16.18 -14.93 -44.95
CA ASN C 237 -17.57 -15.27 -45.18
C ASN C 237 -17.88 -16.66 -44.64
N SER C 238 -19.06 -16.80 -44.02
CA SER C 238 -19.50 -18.05 -43.39
C SER C 238 -18.69 -18.33 -42.13
N ALA C 239 -18.48 -17.28 -41.35
CA ALA C 239 -17.75 -17.31 -40.09
C ALA C 239 -18.54 -17.83 -38.89
N PRO C 240 -19.77 -17.38 -38.63
CA PRO C 240 -20.42 -17.73 -37.36
C PRO C 240 -20.62 -19.23 -37.18
N ILE C 241 -20.13 -19.73 -36.04
CA ILE C 241 -20.33 -21.11 -35.60
C ILE C 241 -20.96 -21.04 -34.22
N TYR C 242 -22.02 -21.81 -33.98
CA TYR C 242 -22.65 -21.77 -32.66
C TYR C 242 -21.84 -22.58 -31.65
N VAL C 243 -21.55 -23.84 -31.95
CA VAL C 243 -20.75 -24.68 -31.08
C VAL C 243 -19.86 -25.53 -31.99
N PRO C 244 -18.59 -25.73 -31.66
CA PRO C 244 -17.71 -26.50 -32.55
C PRO C 244 -17.91 -28.00 -32.39
N THR C 245 -17.57 -28.71 -33.47
CA THR C 245 -17.51 -30.17 -33.50
C THR C 245 -18.88 -30.83 -33.30
N LEU C 246 -19.97 -30.08 -33.49
CA LEU C 246 -21.30 -30.65 -33.30
C LEU C 246 -21.69 -31.60 -34.43
N ASP C 247 -20.93 -31.59 -35.54
CA ASP C 247 -21.14 -32.36 -36.77
C ASP C 247 -22.16 -31.71 -37.69
N ASP C 248 -22.55 -30.46 -37.42
CA ASP C 248 -23.41 -29.70 -38.33
C ASP C 248 -22.71 -28.46 -38.86
N PHE C 249 -21.43 -28.28 -38.56
CA PHE C 249 -20.66 -27.17 -39.12
C PHE C 249 -19.23 -27.61 -39.42
N THR C 256 -12.85 -28.98 -29.59
CA THR C 256 -11.82 -29.98 -29.31
C THR C 256 -10.42 -29.38 -29.48
N GLY C 257 -10.23 -28.66 -30.59
CA GLY C 257 -8.97 -28.00 -30.83
C GLY C 257 -8.67 -26.91 -29.81
N ILE C 258 -9.71 -26.26 -29.30
CA ILE C 258 -9.53 -25.23 -28.28
C ILE C 258 -9.00 -25.83 -26.98
N PHE C 259 -9.41 -27.05 -26.65
CA PHE C 259 -9.01 -27.69 -25.40
C PHE C 259 -7.71 -28.49 -25.52
N LYS C 260 -7.18 -28.65 -26.73
CA LYS C 260 -5.84 -29.22 -26.88
C LYS C 260 -4.78 -28.18 -26.53
N SER C 261 -5.07 -26.90 -26.78
CA SER C 261 -4.22 -25.79 -26.37
C SER C 261 -5.10 -24.77 -25.65
N PRO C 262 -5.54 -25.11 -24.43
CA PRO C 262 -6.51 -24.23 -23.74
C PRO C 262 -6.00 -22.83 -23.46
N HIS C 263 -4.69 -22.64 -23.36
CA HIS C 263 -4.15 -21.34 -23.00
C HIS C 263 -4.17 -20.34 -24.15
N GLY C 264 -4.53 -20.75 -25.35
CA GLY C 264 -4.57 -19.84 -26.48
C GLY C 264 -3.32 -19.92 -27.34
N GLU C 265 -3.22 -18.96 -28.25
CA GLU C 265 -2.05 -18.86 -29.12
C GLU C 265 -0.78 -18.74 -28.29
N ASP C 266 0.27 -19.43 -28.72
CA ASP C 266 1.53 -19.48 -27.99
C ASP C 266 2.01 -18.07 -27.68
N HIS C 267 2.03 -17.73 -26.40
CA HIS C 267 2.40 -16.40 -25.94
C HIS C 267 3.34 -16.49 -24.74
N ASP C 268 4.25 -17.45 -24.77
CA ASP C 268 5.26 -17.55 -23.74
C ASP C 268 6.12 -16.29 -23.74
N LEU C 269 6.52 -15.85 -22.54
CA LEU C 269 7.22 -14.58 -22.40
C LEU C 269 8.54 -14.59 -23.17
N ALA C 270 9.29 -15.69 -23.08
CA ALA C 270 10.55 -15.86 -23.80
C ALA C 270 11.53 -14.73 -23.51
N ILE C 274 15.01 -12.09 -23.31
CA ILE C 274 14.99 -11.60 -21.93
C ILE C 274 13.67 -11.97 -21.25
N ALA C 275 13.79 -12.72 -20.13
CA ALA C 275 12.64 -13.20 -19.39
C ALA C 275 12.77 -12.73 -17.93
N SER C 276 12.06 -11.67 -17.59
CA SER C 276 12.00 -11.17 -16.21
C SER C 276 10.77 -11.69 -15.48
N TYR C 277 10.30 -12.88 -15.84
CA TYR C 277 9.11 -13.46 -15.24
C TYR C 277 9.51 -14.43 -14.14
N SER C 278 8.90 -14.27 -12.97
CA SER C 278 9.19 -15.10 -11.80
C SER C 278 7.91 -15.75 -11.30
N ILE C 279 7.95 -17.07 -11.11
CA ILE C 279 6.79 -17.80 -10.59
C ILE C 279 6.81 -17.67 -9.07
N VAL C 280 5.74 -17.10 -8.51
CA VAL C 280 5.66 -16.94 -7.06
C VAL C 280 5.15 -18.22 -6.39
N GLY C 281 4.23 -18.93 -7.04
CA GLY C 281 3.69 -20.13 -6.47
C GLY C 281 2.19 -20.29 -6.69
N PRO C 282 1.70 -21.51 -6.52
CA PRO C 282 0.25 -21.74 -6.70
C PRO C 282 -0.54 -21.31 -5.47
N ALA C 283 -1.84 -21.14 -5.69
CA ALA C 283 -2.73 -20.67 -4.64
C ALA C 283 -4.14 -21.15 -4.91
N ASN C 284 -4.97 -21.08 -3.87
CA ASN C 284 -6.39 -21.37 -3.98
C ASN C 284 -7.17 -20.16 -3.47
N ALA C 285 -8.38 -19.99 -3.99
CA ALA C 285 -9.18 -18.81 -3.66
C ALA C 285 -10.65 -19.14 -3.84
N LYS C 286 -11.50 -18.28 -3.28
CA LYS C 286 -12.95 -18.42 -3.38
C LYS C 286 -13.43 -17.49 -4.50
N VAL C 287 -13.92 -18.08 -5.59
CA VAL C 287 -14.39 -17.28 -6.73
C VAL C 287 -15.74 -16.62 -6.44
N PRO C 288 -16.68 -17.22 -5.68
CA PRO C 288 -17.90 -16.47 -5.38
C PRO C 288 -17.71 -15.43 -4.29
N HIS C 289 -16.60 -15.48 -3.56
CA HIS C 289 -16.24 -14.63 -2.41
C HIS C 289 -17.16 -14.85 -1.22
N SER C 290 -18.18 -15.70 -1.33
CA SER C 290 -19.04 -16.04 -0.22
C SER C 290 -19.08 -17.55 0.03
N ALA C 291 -18.31 -18.33 -0.71
CA ALA C 291 -18.31 -19.77 -0.55
C ALA C 291 -17.68 -20.17 0.79
N SER C 292 -18.09 -21.32 1.29
CA SER C 292 -17.54 -21.81 2.56
C SER C 292 -16.06 -22.12 2.43
N SER C 293 -15.65 -22.67 1.29
CA SER C 293 -14.27 -23.06 1.05
C SER C 293 -13.83 -22.57 -0.33
N ASP C 294 -12.52 -22.68 -0.57
CA ASP C 294 -11.97 -22.30 -1.86
C ASP C 294 -12.51 -23.18 -2.97
N THR C 295 -12.80 -22.58 -4.12
CA THR C 295 -13.43 -23.27 -5.25
C THR C 295 -12.62 -23.15 -6.53
N LEU C 296 -11.49 -22.44 -6.52
CA LEU C 296 -10.68 -22.28 -7.71
C LEU C 296 -9.22 -22.23 -7.32
N SER C 297 -8.37 -22.90 -8.11
CA SER C 297 -6.93 -22.88 -7.93
C SER C 297 -6.28 -21.99 -8.97
N LEU C 298 -5.30 -21.21 -8.54
CA LEU C 298 -4.62 -20.28 -9.41
C LEU C 298 -3.12 -20.34 -9.11
N ILE C 299 -2.33 -19.84 -10.05
CA ILE C 299 -0.88 -19.75 -9.90
C ILE C 299 -0.51 -18.27 -9.99
N ALA C 300 -0.05 -17.72 -8.87
CA ALA C 300 0.41 -16.33 -8.86
C ALA C 300 1.78 -16.23 -9.52
N TYR C 301 2.04 -15.07 -10.11
CA TYR C 301 3.27 -14.88 -10.88
C TYR C 301 3.66 -13.41 -10.84
N SER C 302 4.92 -13.16 -11.18
CA SER C 302 5.45 -11.81 -11.34
C SER C 302 6.22 -11.72 -12.64
N GLY C 303 6.09 -10.60 -13.33
CA GLY C 303 6.77 -10.40 -14.59
C GLY C 303 5.86 -9.72 -15.58
N ILE C 304 6.25 -9.79 -16.85
CA ILE C 304 5.44 -9.18 -17.91
C ILE C 304 4.10 -9.92 -17.98
N PRO C 305 2.98 -9.21 -18.11
CA PRO C 305 1.68 -9.89 -18.22
C PRO C 305 1.61 -10.76 -19.47
N SER C 306 1.01 -11.94 -19.34
CA SER C 306 0.91 -12.87 -20.44
C SER C 306 -0.40 -13.63 -20.32
N TYR C 307 -0.88 -14.12 -21.46
CA TYR C 307 -2.09 -14.94 -21.54
C TYR C 307 -3.29 -14.14 -21.03
N SER C 308 -4.37 -14.83 -20.66
CA SER C 308 -5.62 -14.18 -20.30
C SER C 308 -5.81 -14.20 -18.79
N SER C 309 -6.20 -13.05 -18.22
CA SER C 309 -6.47 -12.93 -16.81
C SER C 309 -7.95 -13.12 -16.46
N LEU C 310 -8.78 -13.38 -17.47
CA LEU C 310 -10.22 -13.54 -17.27
C LEU C 310 -10.64 -14.98 -17.54
N SER C 311 -11.52 -15.50 -16.70
CA SER C 311 -12.02 -16.86 -16.83
C SER C 311 -13.40 -16.94 -16.20
N ILE C 312 -14.06 -18.07 -16.41
CA ILE C 312 -15.39 -18.31 -15.89
C ILE C 312 -15.37 -19.63 -15.12
N LEU C 313 -15.88 -19.62 -13.89
CA LEU C 313 -16.04 -20.87 -13.16
C LEU C 313 -17.07 -21.73 -13.84
N THR C 314 -16.71 -22.99 -14.12
CA THR C 314 -17.66 -23.90 -14.73
C THR C 314 -18.59 -24.52 -13.70
N SER C 315 -18.09 -24.84 -12.52
CA SER C 315 -18.89 -25.57 -11.53
C SER C 315 -19.86 -24.62 -10.84
N SER C 316 -20.66 -23.91 -11.64
CA SER C 316 -21.71 -23.02 -11.14
C SER C 316 -22.61 -22.72 -12.33
N THR C 317 -23.91 -23.03 -12.20
CA THR C 317 -24.83 -22.80 -13.32
C THR C 317 -24.83 -21.34 -13.75
N ASP C 318 -24.93 -20.44 -12.77
CA ASP C 318 -24.78 -19.02 -13.08
C ASP C 318 -23.32 -18.71 -13.35
N ALA C 319 -23.07 -17.95 -14.42
CA ALA C 319 -21.70 -17.65 -14.82
C ALA C 319 -21.00 -16.81 -13.78
N LYS C 320 -19.90 -17.34 -13.22
CA LYS C 320 -19.10 -16.63 -12.23
C LYS C 320 -17.83 -16.13 -12.94
N HIS C 321 -17.90 -14.91 -13.43
CA HIS C 321 -16.77 -14.32 -14.14
C HIS C 321 -15.62 -14.05 -13.19
N VAL C 322 -14.40 -14.37 -13.63
CA VAL C 322 -13.21 -14.31 -12.80
C VAL C 322 -12.25 -13.30 -13.41
N PHE C 323 -11.74 -12.40 -12.58
CA PHE C 323 -10.67 -11.47 -12.94
C PHE C 323 -9.53 -11.68 -11.97
N SER C 324 -8.40 -12.21 -12.45
CA SER C 324 -7.28 -12.59 -11.60
C SER C 324 -6.00 -11.94 -12.11
N PRO C 325 -5.81 -10.65 -11.82
CA PRO C 325 -4.56 -9.99 -12.21
C PRO C 325 -3.40 -10.53 -11.39
N GLY C 326 -2.34 -10.96 -12.08
CA GLY C 326 -1.20 -11.55 -11.43
C GLY C 326 -1.33 -13.01 -11.09
N LEU C 327 -2.41 -13.67 -11.51
CA LEU C 327 -2.62 -15.08 -11.25
C LEU C 327 -3.05 -15.78 -12.53
N PHE C 328 -2.64 -17.03 -12.67
CA PHE C 328 -2.98 -17.83 -13.83
C PHE C 328 -4.07 -18.82 -13.45
N PRO C 329 -5.30 -18.65 -13.93
CA PRO C 329 -6.36 -19.60 -13.57
C PRO C 329 -6.09 -20.99 -14.13
N LYS C 330 -6.52 -21.99 -13.39
CA LYS C 330 -6.36 -23.39 -13.79
C LYS C 330 -7.39 -23.69 -14.86
N LEU C 331 -6.94 -23.95 -16.10
CA LEU C 331 -7.84 -24.23 -17.19
C LEU C 331 -7.84 -25.69 -17.61
N ASN C 332 -7.10 -26.55 -16.90
CA ASN C 332 -7.05 -27.97 -17.21
C ASN C 332 -8.22 -28.64 -16.51
N HIS C 333 -9.12 -29.25 -17.28
CA HIS C 333 -10.25 -30.01 -16.75
C HIS C 333 -9.96 -31.50 -16.70
N THR C 334 -8.69 -31.90 -16.63
CA THR C 334 -8.35 -33.32 -16.59
C THR C 334 -8.92 -33.99 -15.34
N ASN C 335 -8.83 -33.34 -14.18
CA ASN C 335 -9.42 -33.86 -12.96
C ASN C 335 -10.71 -33.16 -12.58
N CYS C 336 -11.12 -32.14 -13.32
CA CYS C 336 -12.32 -31.33 -13.09
C CYS C 336 -12.22 -30.51 -11.81
N ASP C 337 -11.14 -30.65 -11.04
CA ASP C 337 -10.97 -29.93 -9.80
C ASP C 337 -10.51 -28.49 -10.04
N LYS C 338 -11.06 -27.56 -9.24
CA LYS C 338 -10.69 -26.15 -9.29
C LYS C 338 -10.84 -25.62 -10.70
N SER C 339 -12.08 -25.60 -11.18
CA SER C 339 -12.32 -25.42 -12.60
C SER C 339 -12.37 -23.95 -13.00
N ALA C 340 -12.04 -23.71 -14.26
CA ALA C 340 -12.12 -22.41 -14.91
C ALA C 340 -12.02 -22.62 -16.42
N ILE C 341 -12.60 -21.70 -17.18
CA ILE C 341 -12.48 -21.73 -18.64
C ILE C 341 -12.20 -20.33 -19.15
N PRO C 342 -11.41 -20.23 -20.23
CA PRO C 342 -11.09 -18.90 -20.77
C PRO C 342 -12.32 -18.24 -21.36
N LEU C 343 -12.39 -16.92 -21.21
CA LEU C 343 -13.48 -16.16 -21.82
C LEU C 343 -13.28 -16.01 -23.32
N THR C 344 -12.05 -15.74 -23.75
CA THR C 344 -11.72 -15.58 -25.16
C THR C 344 -10.57 -16.50 -25.50
N TRP C 345 -10.51 -16.89 -26.78
CA TRP C 345 -9.47 -17.80 -27.24
C TRP C 345 -9.12 -17.47 -28.68
N THR C 346 -7.82 -17.30 -28.95
CA THR C 346 -7.32 -17.03 -30.29
C THR C 346 -6.27 -18.08 -30.62
N GLY C 347 -6.36 -18.67 -31.81
CA GLY C 347 -5.41 -19.68 -32.21
C GLY C 347 -5.69 -20.15 -33.62
N MET C 348 -5.08 -21.27 -33.98
CA MET C 348 -5.23 -21.87 -35.29
C MET C 348 -5.80 -23.27 -35.14
N ILE C 349 -6.85 -23.57 -35.90
CA ILE C 349 -7.48 -24.88 -35.91
C ILE C 349 -7.62 -25.35 -37.35
N ASP C 350 -7.55 -26.65 -37.55
CA ASP C 350 -7.68 -27.24 -38.88
C ASP C 350 -9.16 -27.47 -39.16
N LEU C 351 -9.66 -26.91 -40.26
CA LEU C 351 -11.07 -27.02 -40.59
C LEU C 351 -11.23 -27.56 -42.00
N PRO C 352 -12.21 -28.43 -42.22
CA PRO C 352 -12.45 -28.95 -43.57
C PRO C 352 -13.11 -27.91 -44.45
N GLY C 353 -12.93 -28.08 -45.76
CA GLY C 353 -13.51 -27.17 -46.71
C GLY C 353 -12.91 -27.38 -48.09
N TYR C 354 -13.20 -26.41 -48.97
CA TYR C 354 -12.74 -26.48 -50.35
C TYR C 354 -12.52 -25.07 -50.86
N TYR C 355 -11.70 -24.96 -51.90
CA TYR C 355 -11.40 -23.66 -52.49
C TYR C 355 -10.90 -23.85 -53.91
N GLU C 356 -11.07 -22.81 -54.71
CA GLU C 356 -10.64 -22.81 -56.10
C GLU C 356 -9.11 -22.81 -56.20
#